data_4ZLT
#
_entry.id   4ZLT
#
_cell.length_a   98.493
_cell.length_b   109.482
_cell.length_c   210.956
_cell.angle_alpha   90.00
_cell.angle_beta   90.00
_cell.angle_gamma   90.00
#
_symmetry.space_group_name_H-M   'I 2 2 2'
#
loop_
_entity.id
_entity.type
_entity.pdbx_description
1 polymer 'Putative uncharacterized protein'
2 polymer 'C-C motif chemokine 3'
3 non-polymer 2-acetamido-2-deoxy-beta-D-glucopyranose
#
loop_
_entity_poly.entity_id
_entity_poly.type
_entity_poly.pdbx_seq_one_letter_code
_entity_poly.pdbx_strand_id
1 'polypeptide(L)'
;GPVGEPVASEINEASKVSSRLLTQDILFRKDRQATISLPIKLPVEDIITQTCDKITYGPLKFLDLLEKETAVLPLSTDIT
CPACLGRAVLVGKWECPAHVAVNESDLTVFGPNKEEHVPQFVTVQQPSDGKMQRLFFAKFLGTEESLAVLRVPGPDGHLC
IQEALIHFKELSGAGVCSLWKANDSREEGLEMKQVDCLETTVLENQTCIATTLSKKIYHRLYCGERLMTGGQVSTRVLLT
ALGFYKRQPYTFHRVPKGMVYVHLIDSGSEDYMEYSECEEVTPGRYEDKQISYTFYTDLFQTADGEPVLASVWGTSGLKD
SAYESCAFVIPTDGEEDLVPRRIMSKCYPFRLTYHPSTMTVRLDVRVEKHHGATDQGFVFLKMESGTYSEGREYYLDRVL
WGEDSSTNNVLQHHHHHHHH
;
B,A
2 'polypeptide(L)' MAPYGADTPTACCFSYSRKIPRQFIVAYFETSSLCSQPGVIFLTKRNRQICADSKETWVQEYITDLELNA F,L
#
loop_
_chem_comp.id
_chem_comp.type
_chem_comp.name
_chem_comp.formula
NAG D-saccharide, beta linking 2-acetamido-2-deoxy-beta-D-glucopyranose 'C8 H15 N O6'
#
# COMPACT_ATOMS: atom_id res chain seq x y z
N SER A 18 -26.37 9.95 30.36
CA SER A 18 -25.41 10.99 30.05
C SER A 18 -24.12 10.40 29.52
N SER A 19 -24.23 9.60 28.46
CA SER A 19 -23.09 8.93 27.84
C SER A 19 -22.61 9.78 26.68
N ARG A 20 -21.62 10.63 26.95
CA ARG A 20 -21.08 11.55 25.95
C ARG A 20 -19.66 11.14 25.52
N LEU A 21 -19.35 9.87 25.65
CA LEU A 21 -18.04 9.34 25.29
C LEU A 21 -18.12 8.63 23.94
N LEU A 22 -16.96 8.19 23.45
CA LEU A 22 -16.93 7.40 22.23
C LEU A 22 -17.63 6.06 22.47
N THR A 23 -18.15 5.48 21.39
CA THR A 23 -18.83 4.20 21.44
C THR A 23 -18.46 3.40 20.20
N GLN A 24 -18.67 2.09 20.28
CA GLN A 24 -18.29 1.20 19.19
C GLN A 24 -19.33 0.10 19.04
N ASP A 25 -19.57 -0.28 17.79
CA ASP A 25 -20.42 -1.41 17.45
C ASP A 25 -19.62 -2.44 16.68
N ILE A 26 -19.92 -3.71 16.91
CA ILE A 26 -19.32 -4.81 16.18
C ILE A 26 -20.31 -5.21 15.10
N LEU A 27 -20.00 -4.88 13.85
CA LEU A 27 -20.90 -5.09 12.73
C LEU A 27 -20.72 -6.48 12.14
N PHE A 28 -21.81 -7.03 11.63
CA PHE A 28 -21.78 -8.34 10.99
C PHE A 28 -21.83 -8.15 9.47
N ARG A 29 -20.69 -7.72 8.93
CA ARG A 29 -20.60 -7.42 7.51
C ARG A 29 -20.96 -8.64 6.68
N LYS A 30 -21.67 -8.40 5.56
CA LYS A 30 -22.12 -9.50 4.72
C LYS A 30 -20.95 -10.17 4.02
N ASP A 31 -20.16 -9.40 3.28
CA ASP A 31 -19.00 -9.91 2.55
C ASP A 31 -17.75 -9.58 3.36
N ARG A 32 -17.22 -10.57 4.08
CA ARG A 32 -16.00 -10.37 4.86
C ARG A 32 -14.76 -10.35 3.98
N GLN A 33 -14.86 -10.84 2.75
CA GLN A 33 -13.74 -10.75 1.82
C GLN A 33 -13.63 -9.38 1.17
N ALA A 34 -14.73 -8.63 1.10
CA ALA A 34 -14.71 -7.32 0.47
C ALA A 34 -13.82 -6.35 1.24
N THR A 35 -13.33 -5.34 0.52
CA THR A 35 -12.49 -4.29 1.10
C THR A 35 -12.84 -2.97 0.43
N ILE A 36 -12.13 -1.92 0.82
CA ILE A 36 -12.38 -0.59 0.25
C ILE A 36 -11.98 -0.60 -1.22
N SER A 37 -12.95 -0.42 -2.10
CA SER A 37 -12.72 -0.43 -3.54
C SER A 37 -12.42 0.99 -4.02
N LEU A 38 -11.44 1.11 -4.90
CA LEU A 38 -11.10 2.39 -5.50
C LEU A 38 -11.39 2.38 -7.00
N PRO A 39 -11.88 3.51 -7.53
CA PRO A 39 -12.11 4.73 -6.75
C PRO A 39 -13.35 4.61 -5.86
N ILE A 40 -13.56 5.62 -4.99
CA ILE A 40 -14.70 5.60 -4.10
C ILE A 40 -15.99 5.65 -4.92
N LYS A 41 -16.90 4.71 -4.64
CA LYS A 41 -18.13 4.59 -5.40
C LYS A 41 -19.39 4.58 -4.54
N LEU A 42 -19.25 4.63 -3.22
CA LEU A 42 -20.37 4.52 -2.30
C LEU A 42 -20.43 5.72 -1.38
N PRO A 43 -21.60 6.00 -0.80
CA PRO A 43 -21.67 6.99 0.27
C PRO A 43 -21.04 6.44 1.53
N VAL A 44 -20.68 7.37 2.43
CA VAL A 44 -20.00 6.97 3.66
C VAL A 44 -20.75 5.85 4.35
N GLU A 45 -22.08 5.95 4.40
CA GLU A 45 -22.86 4.95 5.12
C GLU A 45 -22.72 3.58 4.49
N ASP A 46 -22.80 3.51 3.16
CA ASP A 46 -22.69 2.23 2.48
C ASP A 46 -21.27 1.67 2.56
N ILE A 47 -20.27 2.53 2.61
CA ILE A 47 -18.91 2.06 2.82
C ILE A 47 -18.81 1.33 4.16
N ILE A 48 -19.33 1.94 5.22
CA ILE A 48 -19.33 1.30 6.53
C ILE A 48 -20.06 -0.03 6.48
N THR A 49 -21.23 -0.06 5.82
CA THR A 49 -22.06 -1.24 5.86
C THR A 49 -21.42 -2.42 5.14
N GLN A 50 -20.56 -2.16 4.16
CA GLN A 50 -20.03 -3.23 3.33
C GLN A 50 -18.57 -3.57 3.58
N THR A 51 -17.87 -2.82 4.44
CA THR A 51 -16.45 -3.08 4.65
C THR A 51 -15.98 -2.92 6.09
N CYS A 52 -16.86 -2.60 7.04
CA CYS A 52 -16.48 -2.38 8.42
C CYS A 52 -16.99 -3.51 9.29
N ASP A 53 -16.08 -4.18 9.99
CA ASP A 53 -16.44 -5.16 11.01
C ASP A 53 -16.56 -4.55 12.38
N LYS A 54 -16.09 -3.32 12.56
CA LYS A 54 -16.18 -2.60 13.83
C LYS A 54 -16.17 -1.13 13.52
N ILE A 55 -17.12 -0.39 14.09
CA ILE A 55 -17.25 1.04 13.89
C ILE A 55 -17.16 1.73 15.23
N THR A 56 -16.52 2.90 15.25
CA THR A 56 -16.39 3.72 16.45
C THR A 56 -16.88 5.12 16.12
N TYR A 57 -17.87 5.59 16.88
CA TYR A 57 -18.52 6.86 16.64
C TYR A 57 -17.99 7.89 17.62
N GLY A 58 -17.60 9.05 17.11
CA GLY A 58 -17.06 10.10 17.94
C GLY A 58 -17.22 11.46 17.29
N PRO A 59 -16.71 12.50 17.95
CA PRO A 59 -16.88 13.86 17.43
C PRO A 59 -15.73 14.28 16.53
N LEU A 60 -16.05 15.20 15.62
CA LEU A 60 -15.06 15.82 14.75
C LEU A 60 -14.82 17.23 15.25
N LYS A 61 -13.66 17.46 15.86
CA LYS A 61 -13.32 18.74 16.46
C LYS A 61 -12.09 19.32 15.77
N PHE A 62 -12.06 20.64 15.67
CA PHE A 62 -10.97 21.37 15.05
C PHE A 62 -10.30 22.29 16.08
N LEU A 63 -9.15 22.84 15.68
CA LEU A 63 -8.37 23.68 16.58
C LEU A 63 -7.50 24.60 15.73
N ASP A 64 -7.70 25.91 15.87
CA ASP A 64 -6.98 26.88 15.05
C ASP A 64 -5.49 26.83 15.38
N LEU A 65 -4.69 26.30 14.46
CA LEU A 65 -3.26 26.19 14.67
C LEU A 65 -2.52 26.51 13.37
N LEU A 66 -1.38 27.19 13.50
CA LEU A 66 -0.52 27.49 12.36
C LEU A 66 -1.29 28.05 11.18
N GLU A 67 -2.28 28.90 11.49
CA GLU A 67 -3.05 29.68 10.52
C GLU A 67 -4.22 28.91 9.91
N LYS A 68 -4.53 27.71 10.37
CA LYS A 68 -5.65 26.96 9.82
C LYS A 68 -6.25 26.06 10.88
N GLU A 69 -7.57 25.89 10.82
CA GLU A 69 -8.23 24.93 11.70
C GLU A 69 -7.69 23.53 11.43
N THR A 70 -7.25 22.86 12.50
CA THR A 70 -6.62 21.55 12.39
C THR A 70 -7.38 20.53 13.22
N ALA A 71 -7.70 19.39 12.61
CA ALA A 71 -8.30 18.27 13.30
C ALA A 71 -7.34 17.08 13.24
N VAL A 72 -7.17 16.39 14.36
CA VAL A 72 -6.29 15.23 14.44
C VAL A 72 -7.14 14.02 14.77
N LEU A 73 -7.00 12.97 13.96
CA LEU A 73 -7.78 11.76 14.11
C LEU A 73 -6.87 10.55 14.04
N PRO A 74 -7.10 9.54 14.87
CA PRO A 74 -6.26 8.34 14.82
C PRO A 74 -6.76 7.36 13.78
N LEU A 75 -5.80 6.75 13.06
CA LEU A 75 -6.16 5.74 12.07
C LEU A 75 -6.78 4.52 12.74
N SER A 76 -6.43 4.27 13.99
CA SER A 76 -7.05 3.20 14.77
C SER A 76 -7.28 3.73 16.18
N THR A 77 -8.55 3.83 16.58
CA THR A 77 -8.86 4.39 17.89
C THR A 77 -8.31 3.52 19.01
N ASP A 78 -8.65 2.23 18.98
CA ASP A 78 -8.16 1.27 19.96
C ASP A 78 -6.97 0.54 19.36
N ILE A 79 -5.82 0.64 20.01
CA ILE A 79 -4.59 0.06 19.50
C ILE A 79 -4.50 -1.41 19.88
N THR A 80 -4.99 -2.28 19.00
CA THR A 80 -4.87 -3.72 19.26
C THR A 80 -3.42 -4.16 19.16
N CYS A 81 -2.75 -3.82 18.05
CA CYS A 81 -1.34 -4.12 17.83
C CYS A 81 -0.67 -2.82 17.40
N PRO A 82 -0.01 -2.11 18.32
CA PRO A 82 0.49 -0.78 17.98
C PRO A 82 1.49 -0.76 16.83
N ALA A 83 2.26 -1.84 16.66
CA ALA A 83 3.30 -1.86 15.65
C ALA A 83 2.85 -2.46 14.33
N CYS A 84 1.74 -3.22 14.31
CA CYS A 84 1.29 -3.82 13.07
C CYS A 84 1.03 -2.75 12.01
N LEU A 85 1.32 -3.11 10.76
CA LEU A 85 1.06 -2.24 9.62
C LEU A 85 -0.36 -2.46 9.12
N GLY A 86 -0.92 -1.41 8.52
CA GLY A 86 -2.25 -1.50 7.98
C GLY A 86 -2.43 -0.51 6.86
N ARG A 87 -3.54 -0.66 6.14
CA ARG A 87 -3.89 0.23 5.04
C ARG A 87 -5.14 1.00 5.44
N ALA A 88 -4.99 2.31 5.60
CA ALA A 88 -6.07 3.18 6.01
C ALA A 88 -6.61 3.98 4.84
N VAL A 89 -7.86 4.41 4.96
CA VAL A 89 -8.53 5.23 3.96
C VAL A 89 -9.34 6.28 4.69
N LEU A 90 -9.09 7.55 4.38
CA LEU A 90 -9.87 8.66 4.91
C LEU A 90 -10.87 9.12 3.86
N VAL A 91 -12.15 9.06 4.20
CA VAL A 91 -13.24 9.51 3.32
C VAL A 91 -14.09 10.46 4.14
N GLY A 92 -14.05 11.75 3.80
CA GLY A 92 -14.83 12.77 4.47
C GLY A 92 -15.90 13.34 3.55
N LYS A 93 -16.96 13.85 4.17
CA LYS A 93 -18.06 14.46 3.44
C LYS A 93 -17.86 15.97 3.39
N TRP A 94 -17.92 16.53 2.19
CA TRP A 94 -17.64 17.95 1.97
C TRP A 94 -18.90 18.65 1.51
N GLU A 95 -19.26 19.73 2.21
CA GLU A 95 -20.37 20.59 1.82
C GLU A 95 -20.31 21.89 2.60
N CYS A 96 -19.97 22.98 1.93
CA CYS A 96 -19.93 24.27 2.61
C CYS A 96 -21.30 24.93 2.58
N PRO A 97 -21.70 25.58 3.67
CA PRO A 97 -22.96 26.34 3.66
C PRO A 97 -22.86 27.51 2.71
N ALA A 98 -24.03 28.04 2.37
CA ALA A 98 -24.09 29.12 1.37
C ALA A 98 -23.22 30.30 1.79
N HIS A 99 -23.23 30.65 3.07
CA HIS A 99 -22.51 31.82 3.56
C HIS A 99 -21.02 31.56 3.76
N VAL A 100 -20.51 30.41 3.34
CA VAL A 100 -19.11 30.07 3.49
C VAL A 100 -18.51 29.95 2.10
N ALA A 101 -17.61 30.86 1.77
CA ALA A 101 -16.97 30.88 0.45
C ALA A 101 -15.59 30.23 0.55
N VAL A 102 -15.60 28.92 0.81
CA VAL A 102 -14.40 28.12 0.91
C VAL A 102 -14.36 27.17 -0.27
N ASN A 103 -13.21 27.09 -0.93
CA ASN A 103 -13.01 26.23 -2.09
C ASN A 103 -12.50 24.86 -1.64
N GLU A 104 -12.87 23.83 -2.42
CA GLU A 104 -12.34 22.50 -2.15
C GLU A 104 -10.81 22.49 -2.16
N SER A 105 -10.19 23.41 -2.91
CA SER A 105 -8.74 23.46 -3.00
C SER A 105 -8.09 23.96 -1.72
N ASP A 106 -8.86 24.48 -0.77
CA ASP A 106 -8.32 25.01 0.47
C ASP A 106 -8.18 23.96 1.57
N LEU A 107 -8.84 22.82 1.41
CA LEU A 107 -8.72 21.73 2.37
C LEU A 107 -7.45 20.94 2.10
N THR A 108 -6.62 20.78 3.12
CA THR A 108 -5.41 19.99 3.02
C THR A 108 -5.42 18.89 4.07
N VAL A 109 -4.77 17.77 3.77
CA VAL A 109 -4.65 16.64 4.67
C VAL A 109 -3.25 16.08 4.57
N PHE A 110 -2.86 15.33 5.59
CA PHE A 110 -1.61 14.59 5.56
C PHE A 110 -1.68 13.48 6.59
N GLY A 111 -0.84 12.47 6.40
CA GLY A 111 -0.84 11.32 7.26
C GLY A 111 0.55 10.81 7.55
N PRO A 112 0.70 9.49 7.62
CA PRO A 112 2.00 8.89 7.95
C PRO A 112 2.94 8.73 6.77
N ASN A 113 2.61 9.28 5.60
CA ASN A 113 3.37 8.99 4.39
C ASN A 113 3.84 10.25 3.67
N LYS A 114 3.04 11.31 3.69
CA LYS A 114 3.32 12.48 2.90
C LYS A 114 3.16 13.74 3.73
N GLU A 115 3.52 14.87 3.13
CA GLU A 115 3.35 16.17 3.73
C GLU A 115 1.95 16.70 3.43
N GLU A 116 1.60 17.81 4.09
CA GLU A 116 0.30 18.42 3.89
C GLU A 116 0.06 18.71 2.42
N HIS A 117 -1.08 18.27 1.91
CA HIS A 117 -1.41 18.43 0.50
C HIS A 117 -2.91 18.42 0.33
N VAL A 118 -3.36 18.78 -0.87
CA VAL A 118 -4.78 18.79 -1.18
C VAL A 118 -5.22 17.37 -1.55
N PRO A 119 -6.27 16.83 -0.94
CA PRO A 119 -6.74 15.50 -1.31
C PRO A 119 -7.55 15.53 -2.60
N GLN A 120 -7.84 14.34 -3.11
CA GLN A 120 -8.68 14.20 -4.29
C GLN A 120 -10.14 14.16 -3.89
N PHE A 121 -10.97 14.83 -4.68
CA PHE A 121 -12.41 14.84 -4.44
C PHE A 121 -13.11 13.99 -5.47
N VAL A 122 -14.30 13.52 -5.12
CA VAL A 122 -15.08 12.65 -6.00
C VAL A 122 -16.54 12.74 -5.58
N THR A 123 -17.42 12.82 -6.57
CA THR A 123 -18.86 12.84 -6.35
C THR A 123 -19.40 11.44 -6.57
N VAL A 124 -20.10 10.90 -5.57
CA VAL A 124 -20.65 9.55 -5.62
C VAL A 124 -22.16 9.63 -5.62
N GLN A 125 -22.79 8.79 -6.43
CA GLN A 125 -24.24 8.75 -6.53
C GLN A 125 -24.71 7.31 -6.43
N GLN A 126 -25.78 7.09 -5.67
CA GLN A 126 -26.37 5.76 -5.53
C GLN A 126 -27.84 5.83 -5.89
N PRO A 127 -28.23 5.45 -7.12
CA PRO A 127 -29.66 5.52 -7.48
C PRO A 127 -30.55 4.62 -6.63
N SER A 128 -29.98 3.70 -5.86
CA SER A 128 -30.78 2.85 -4.98
C SER A 128 -31.71 3.69 -4.12
N ASP A 129 -31.14 4.60 -3.32
CA ASP A 129 -31.92 5.55 -2.55
C ASP A 129 -31.84 6.96 -3.12
N GLY A 130 -31.16 7.14 -4.24
CA GLY A 130 -31.04 8.45 -4.86
C GLY A 130 -30.07 9.40 -4.19
N LYS A 131 -29.29 8.92 -3.22
CA LYS A 131 -28.40 9.82 -2.49
C LYS A 131 -27.22 10.24 -3.35
N MET A 132 -26.65 11.38 -3.01
CA MET A 132 -25.49 11.93 -3.71
C MET A 132 -24.67 12.72 -2.71
N GLN A 133 -23.35 12.57 -2.79
CA GLN A 133 -22.44 13.16 -1.82
C GLN A 133 -21.17 13.61 -2.53
N ARG A 134 -20.60 14.70 -2.04
CA ARG A 134 -19.32 15.21 -2.53
C ARG A 134 -18.24 14.84 -1.51
N LEU A 135 -17.41 13.87 -1.85
CA LEU A 135 -16.46 13.29 -0.92
C LEU A 135 -15.03 13.69 -1.27
N PHE A 136 -14.18 13.72 -0.26
CA PHE A 136 -12.75 13.86 -0.41
C PHE A 136 -12.07 12.69 0.28
N PHE A 137 -11.04 12.14 -0.34
CA PHE A 137 -10.44 10.90 0.14
C PHE A 137 -8.93 10.96 0.03
N ALA A 138 -8.28 10.04 0.73
CA ALA A 138 -6.83 9.91 0.75
C ALA A 138 -6.49 8.55 1.30
N LYS A 139 -5.41 7.96 0.81
CA LYS A 139 -5.00 6.62 1.18
C LYS A 139 -3.70 6.68 1.97
N PHE A 140 -3.62 5.87 3.03
CA PHE A 140 -2.47 5.84 3.92
C PHE A 140 -2.01 4.41 4.14
N LEU A 141 -0.75 4.28 4.56
CA LEU A 141 -0.19 2.98 4.92
C LEU A 141 0.77 3.21 6.07
N GLY A 142 0.38 2.81 7.27
CA GLY A 142 1.23 2.96 8.43
C GLY A 142 0.80 2.04 9.55
N THR A 143 1.48 2.18 10.67
CA THR A 143 1.16 1.38 11.85
C THR A 143 -0.17 1.83 12.44
N GLU A 144 -0.67 1.03 13.38
CA GLU A 144 -1.92 1.37 14.05
C GLU A 144 -1.81 2.66 14.86
N GLU A 145 -0.60 3.14 15.13
CA GLU A 145 -0.40 4.41 15.82
C GLU A 145 -0.35 5.60 14.88
N SER A 146 -0.69 5.41 13.61
CA SER A 146 -0.60 6.50 12.65
C SER A 146 -1.75 7.48 12.86
N LEU A 147 -1.64 8.63 12.21
CA LEU A 147 -2.60 9.71 12.37
C LEU A 147 -2.96 10.29 11.02
N ALA A 148 -4.12 10.94 10.97
CA ALA A 148 -4.56 11.70 9.82
C ALA A 148 -4.94 13.10 10.29
N VAL A 149 -4.45 14.12 9.61
CA VAL A 149 -4.63 15.50 10.02
C VAL A 149 -5.36 16.25 8.91
N LEU A 150 -6.48 16.87 9.25
CA LEU A 150 -7.22 17.72 8.34
C LEU A 150 -6.97 19.18 8.70
N ARG A 151 -6.91 20.03 7.68
CA ARG A 151 -6.67 21.46 7.89
C ARG A 151 -7.55 22.23 6.92
N VAL A 152 -8.34 23.16 7.45
CA VAL A 152 -9.22 23.99 6.63
C VAL A 152 -8.95 25.44 7.01
N PRO A 153 -9.03 26.38 6.07
CA PRO A 153 -8.65 27.76 6.36
C PRO A 153 -9.76 28.52 7.06
N GLY A 154 -9.44 29.76 7.44
CA GLY A 154 -10.41 30.68 7.98
C GLY A 154 -11.11 30.16 9.22
N PRO A 155 -11.97 31.00 9.81
CA PRO A 155 -12.71 30.57 10.99
C PRO A 155 -13.97 29.78 10.70
N ASP A 156 -14.38 29.67 9.44
CA ASP A 156 -15.61 28.98 9.07
C ASP A 156 -15.36 27.72 8.26
N GLY A 157 -14.11 27.41 7.94
CA GLY A 157 -13.84 26.23 7.11
C GLY A 157 -14.35 24.94 7.72
N HIS A 158 -14.30 24.84 9.05
CA HIS A 158 -14.70 23.60 9.72
C HIS A 158 -16.13 23.20 9.38
N LEU A 159 -16.96 24.15 8.94
CA LEU A 159 -18.36 23.85 8.68
C LEU A 159 -18.56 23.06 7.39
N CYS A 160 -17.56 23.02 6.52
CA CYS A 160 -17.68 22.32 5.26
C CYS A 160 -17.55 20.82 5.41
N ILE A 161 -16.89 20.34 6.46
CA ILE A 161 -16.64 18.93 6.66
C ILE A 161 -17.76 18.38 7.53
N GLN A 162 -18.70 17.68 6.91
CA GLN A 162 -19.83 17.14 7.67
C GLN A 162 -19.40 16.00 8.59
N GLU A 163 -18.68 15.03 8.04
CA GLU A 163 -18.23 13.89 8.84
C GLU A 163 -17.01 13.27 8.16
N ALA A 164 -16.23 12.54 8.95
CA ALA A 164 -14.98 11.94 8.49
C ALA A 164 -14.96 10.47 8.88
N LEU A 165 -15.02 9.59 7.90
CA LEU A 165 -14.86 8.16 8.11
C LEU A 165 -13.39 7.77 7.93
N ILE A 166 -12.97 6.77 8.68
CA ILE A 166 -11.61 6.25 8.58
C ILE A 166 -11.70 4.73 8.63
N HIS A 167 -11.33 4.08 7.52
CA HIS A 167 -11.29 2.63 7.43
C HIS A 167 -9.84 2.18 7.56
N PHE A 168 -9.63 1.16 8.38
CA PHE A 168 -8.28 0.66 8.67
C PHE A 168 -8.32 -0.86 8.59
N LYS A 169 -7.72 -1.41 7.54
CA LYS A 169 -7.66 -2.86 7.37
C LYS A 169 -6.42 -3.36 8.09
N GLU A 170 -6.62 -3.96 9.26
CA GLU A 170 -5.51 -4.44 10.06
C GLU A 170 -4.79 -5.59 9.35
N LEU A 171 -3.73 -6.07 9.99
CA LEU A 171 -3.01 -7.22 9.45
C LEU A 171 -3.90 -8.46 9.41
N SER A 172 -4.79 -8.60 10.40
CA SER A 172 -5.68 -9.76 10.44
C SER A 172 -6.73 -9.72 9.35
N GLY A 173 -6.85 -8.62 8.62
CA GLY A 173 -7.88 -8.49 7.62
C GLY A 173 -9.20 -7.98 8.13
N ALA A 174 -9.26 -7.52 9.37
CA ALA A 174 -10.49 -7.00 9.95
C ALA A 174 -10.62 -5.52 9.64
N GLY A 175 -11.84 -5.11 9.26
CA GLY A 175 -12.12 -3.71 9.01
C GLY A 175 -12.49 -2.96 10.27
N VAL A 176 -11.63 -2.04 10.67
CA VAL A 176 -11.79 -1.25 11.89
C VAL A 176 -12.01 0.18 11.45
N CYS A 177 -13.25 0.63 11.49
CA CYS A 177 -13.62 1.96 11.05
C CYS A 177 -13.96 2.85 12.25
N SER A 178 -13.93 4.16 12.03
CA SER A 178 -14.27 5.14 13.05
C SER A 178 -14.84 6.36 12.37
N LEU A 179 -16.06 6.73 12.72
CA LEU A 179 -16.78 7.83 12.10
C LEU A 179 -16.81 9.03 13.05
N TRP A 180 -16.27 10.15 12.62
CA TRP A 180 -16.19 11.36 13.42
C TRP A 180 -17.09 12.41 12.78
N LYS A 181 -18.32 12.52 13.29
CA LYS A 181 -19.27 13.51 12.79
C LYS A 181 -19.07 14.84 13.49
N ALA A 182 -19.36 15.92 12.76
CA ALA A 182 -19.35 17.25 13.33
C ALA A 182 -20.61 17.46 14.16
N ASN A 183 -20.45 18.02 15.35
CA ASN A 183 -21.57 18.21 16.27
C ASN A 183 -22.14 16.87 16.73
N ASP A 184 -21.28 15.87 16.90
CA ASP A 184 -21.73 14.58 17.37
C ASP A 184 -22.07 14.65 18.85
N SER A 185 -23.11 13.92 19.25
CA SER A 185 -23.55 13.93 20.64
C SER A 185 -22.45 13.50 21.60
N ARG A 186 -21.45 12.76 21.11
CA ARG A 186 -20.37 12.26 21.96
C ARG A 186 -19.24 13.28 22.03
N GLU A 187 -19.57 14.47 22.53
CA GLU A 187 -18.62 15.56 22.50
C GLU A 187 -17.40 15.32 23.39
N GLU A 188 -17.51 14.44 24.37
CA GLU A 188 -16.41 14.18 25.29
C GLU A 188 -15.58 12.97 24.89
N GLY A 189 -15.94 12.29 23.80
CA GLY A 189 -15.15 11.16 23.33
C GLY A 189 -13.80 11.54 22.77
N LEU A 190 -13.63 12.79 22.35
CA LEU A 190 -12.36 13.28 21.85
C LEU A 190 -12.17 14.71 22.32
N GLU A 191 -11.13 14.95 23.11
CA GLU A 191 -10.77 16.28 23.58
C GLU A 191 -9.35 16.57 23.16
N MET A 192 -9.13 17.71 22.53
CA MET A 192 -7.81 18.11 22.05
C MET A 192 -7.46 19.48 22.62
N LYS A 193 -6.25 19.61 23.14
CA LYS A 193 -5.79 20.86 23.74
C LYS A 193 -4.31 21.04 23.49
N GLN A 194 -3.94 22.20 22.98
CA GLN A 194 -2.54 22.47 22.67
C GLN A 194 -1.70 22.43 23.94
N VAL A 195 -0.49 21.87 23.82
CA VAL A 195 0.44 21.78 24.93
C VAL A 195 1.77 22.38 24.49
N ASP A 196 2.66 22.54 25.46
CA ASP A 196 4.01 23.01 25.16
C ASP A 196 4.83 21.88 24.57
N CYS A 197 5.67 22.21 23.60
CA CYS A 197 6.46 21.19 22.92
C CYS A 197 7.76 20.87 23.65
N LEU A 198 8.25 21.77 24.48
CA LEU A 198 9.50 21.57 25.21
C LEU A 198 10.69 21.40 24.28
N GLU A 199 10.55 21.84 23.02
CA GLU A 199 11.61 21.71 22.03
C GLU A 199 12.07 20.25 21.90
N THR A 200 11.11 19.33 22.01
CA THR A 200 11.43 17.92 21.82
C THR A 200 11.84 17.63 20.39
N THR A 201 11.17 18.27 19.43
CA THR A 201 11.40 18.05 18.01
C THR A 201 12.15 19.23 17.40
N VAL A 202 12.77 18.97 16.25
CA VAL A 202 13.46 20.01 15.50
C VAL A 202 12.56 20.70 14.48
N LEU A 203 11.31 20.27 14.35
CA LEU A 203 10.42 20.85 13.36
C LEU A 203 10.31 22.35 13.55
N GLU A 204 10.33 23.09 12.44
CA GLU A 204 10.15 24.53 12.50
C GLU A 204 8.72 24.86 12.93
N ASN A 205 8.59 25.76 13.90
CA ASN A 205 7.28 26.17 14.40
C ASN A 205 6.51 24.98 14.95
N GLN A 206 7.20 24.14 15.72
CA GLN A 206 6.57 22.93 16.25
C GLN A 206 5.47 23.28 17.24
N THR A 207 4.28 22.72 17.02
CA THR A 207 3.13 22.93 17.87
C THR A 207 2.61 21.57 18.31
N CYS A 208 2.59 21.34 19.62
CA CYS A 208 2.20 20.05 20.18
C CYS A 208 0.72 20.06 20.56
N ILE A 209 0.08 18.91 20.37
CA ILE A 209 -1.34 18.73 20.66
C ILE A 209 -1.51 17.47 21.47
N ALA A 210 -2.38 17.51 22.47
CA ALA A 210 -2.69 16.37 23.31
C ALA A 210 -4.15 16.00 23.06
N THR A 211 -4.36 14.96 22.27
CA THR A 211 -5.71 14.48 21.94
C THR A 211 -6.03 13.31 22.86
N THR A 212 -7.10 13.46 23.64
CA THR A 212 -7.52 12.45 24.60
C THR A 212 -8.73 11.72 24.04
N LEU A 213 -8.64 10.40 23.94
CA LEU A 213 -9.72 9.58 23.41
C LEU A 213 -10.32 8.78 24.57
N SER A 214 -11.60 8.98 24.82
CA SER A 214 -12.31 8.36 25.93
C SER A 214 -13.47 7.56 25.38
N LYS A 215 -13.48 6.26 25.66
CA LYS A 215 -14.50 5.36 25.15
C LYS A 215 -15.20 4.65 26.31
N LYS A 216 -16.51 4.53 26.22
CA LYS A 216 -17.30 3.83 27.23
C LYS A 216 -17.31 2.35 26.89
N ILE A 217 -16.50 1.57 27.59
CA ILE A 217 -16.32 0.15 27.33
C ILE A 217 -15.82 -0.51 28.60
N TYR A 218 -16.51 -1.54 29.06
CA TYR A 218 -16.08 -2.28 30.24
C TYR A 218 -14.90 -3.17 29.85
N HIS A 219 -13.69 -2.69 30.07
CA HIS A 219 -12.49 -3.35 29.59
C HIS A 219 -11.73 -4.01 30.73
N ARG A 220 -11.25 -5.23 30.50
CA ARG A 220 -10.41 -5.95 31.44
C ARG A 220 -9.22 -6.54 30.69
N LEU A 221 -8.05 -6.47 31.30
CA LEU A 221 -6.82 -6.94 30.70
C LEU A 221 -6.18 -7.96 31.61
N TYR A 222 -6.09 -9.20 31.14
CA TYR A 222 -5.48 -10.29 31.89
C TYR A 222 -4.15 -10.69 31.27
N CYS A 223 -3.31 -11.34 32.06
CA CYS A 223 -2.14 -12.06 31.56
C CYS A 223 -2.37 -13.52 31.89
N GLY A 224 -2.80 -14.28 30.89
CA GLY A 224 -3.26 -15.64 31.12
C GLY A 224 -4.63 -15.65 31.77
N GLU A 225 -4.67 -15.90 33.07
CA GLU A 225 -5.91 -15.84 33.83
C GLU A 225 -5.78 -14.96 35.06
N ARG A 226 -4.73 -14.16 35.13
CA ARG A 226 -4.48 -13.25 36.25
C ARG A 226 -4.85 -11.84 35.79
N LEU A 227 -5.77 -11.20 36.50
CA LEU A 227 -6.21 -9.87 36.12
C LEU A 227 -5.09 -8.85 36.29
N MET A 228 -4.94 -7.99 35.30
CA MET A 228 -3.95 -6.92 35.31
C MET A 228 -4.56 -5.54 35.47
N THR A 229 -5.70 -5.29 34.84
CA THR A 229 -6.33 -3.98 34.87
C THR A 229 -7.79 -4.11 34.45
N GLY A 230 -8.59 -3.13 34.86
CA GLY A 230 -9.99 -3.09 34.51
C GLY A 230 -10.52 -1.69 34.68
N GLY A 231 -11.72 -1.47 34.16
CA GLY A 231 -12.31 -0.15 34.24
C GLY A 231 -13.57 -0.07 33.41
N GLN A 232 -14.27 1.05 33.58
CA GLN A 232 -15.50 1.32 32.86
C GLN A 232 -15.30 2.28 31.69
N VAL A 233 -14.08 2.71 31.45
CA VAL A 233 -13.76 3.63 30.36
C VAL A 233 -12.31 3.42 29.96
N SER A 234 -12.06 3.32 28.67
CA SER A 234 -10.71 3.18 28.14
C SER A 234 -10.27 4.52 27.56
N THR A 235 -9.17 5.06 28.08
CA THR A 235 -8.66 6.35 27.67
C THR A 235 -7.31 6.18 26.98
N ARG A 236 -7.09 6.97 25.94
CA ARG A 236 -5.84 6.96 25.20
C ARG A 236 -5.47 8.41 24.91
N VAL A 237 -4.21 8.75 25.14
CA VAL A 237 -3.73 10.13 24.97
C VAL A 237 -2.72 10.14 23.85
N LEU A 238 -2.98 10.98 22.84
CA LEU A 238 -2.09 11.14 21.70
C LEU A 238 -1.36 12.46 21.85
N LEU A 239 -0.06 12.40 22.04
CA LEU A 239 0.79 13.59 22.09
C LEU A 239 1.50 13.70 20.74
N THR A 240 1.12 14.69 19.96
CA THR A 240 1.59 14.83 18.58
C THR A 240 2.24 16.20 18.38
N ALA A 241 3.38 16.19 17.69
CA ALA A 241 4.05 17.43 17.32
C ALA A 241 3.77 17.74 15.86
N LEU A 242 3.42 18.99 15.57
CA LEU A 242 3.14 19.44 14.22
C LEU A 242 4.09 20.57 13.86
N GLY A 243 4.60 20.54 12.64
CA GLY A 243 5.54 21.54 12.21
C GLY A 243 5.99 21.29 10.79
N PHE A 244 7.11 21.89 10.43
CA PHE A 244 7.65 21.78 9.08
C PHE A 244 9.13 21.42 9.15
N TYR A 245 9.59 20.67 8.15
CA TYR A 245 11.00 20.37 8.04
C TYR A 245 11.79 21.63 7.72
N LYS A 246 13.01 21.71 8.25
CA LYS A 246 13.90 22.81 7.95
C LYS A 246 14.05 22.95 6.44
N ARG A 247 14.29 24.18 5.98
CA ARG A 247 14.50 24.42 4.56
C ARG A 247 15.49 25.56 4.36
N GLN A 248 16.03 25.63 3.14
CA GLN A 248 17.06 26.57 2.75
C GLN A 248 16.56 27.51 1.66
N PRO A 249 16.93 28.79 1.71
CA PRO A 249 16.55 29.75 0.66
C PRO A 249 17.18 29.42 -0.69
N VAL A 255 7.43 28.43 -1.24
CA VAL A 255 6.06 28.70 -1.68
C VAL A 255 5.07 27.81 -0.92
N PRO A 256 5.21 26.50 -1.05
CA PRO A 256 4.27 25.59 -0.38
C PRO A 256 4.57 25.44 1.10
N LYS A 257 3.52 25.31 1.90
CA LYS A 257 3.63 25.10 3.35
C LYS A 257 3.22 23.66 3.64
N GLY A 258 4.18 22.75 3.54
CA GLY A 258 3.92 21.34 3.74
C GLY A 258 4.16 20.87 5.15
N MET A 259 3.09 20.71 5.91
CA MET A 259 3.19 20.37 7.33
C MET A 259 3.28 18.85 7.50
N VAL A 260 3.95 18.45 8.58
CA VAL A 260 4.08 17.04 8.96
C VAL A 260 3.88 16.93 10.47
N TYR A 261 3.82 15.69 10.94
CA TYR A 261 3.66 15.43 12.36
C TYR A 261 4.73 14.44 12.83
N VAL A 262 4.94 14.41 14.14
CA VAL A 262 5.90 13.51 14.77
C VAL A 262 5.30 12.99 16.07
N HIS A 263 5.24 11.69 16.21
CA HIS A 263 4.72 11.07 17.43
C HIS A 263 5.64 11.38 18.60
N LEU A 264 5.05 11.80 19.72
CA LEU A 264 5.78 12.08 20.94
C LEU A 264 5.37 11.08 22.00
N ILE A 265 6.36 10.47 22.65
CA ILE A 265 6.15 9.40 23.62
C ILE A 265 6.43 9.96 25.01
N ASP A 266 5.38 10.11 25.80
CA ASP A 266 5.48 10.56 27.19
C ASP A 266 5.43 9.31 28.07
N SER A 267 6.60 8.81 28.47
CA SER A 267 6.69 7.57 29.22
C SER A 267 6.87 7.77 30.71
N GLY A 268 7.02 9.01 31.18
CA GLY A 268 7.19 9.24 32.60
C GLY A 268 5.96 8.90 33.43
N SER A 269 4.81 8.74 32.78
CA SER A 269 3.56 8.59 33.52
C SER A 269 3.38 7.20 34.10
N GLU A 270 3.77 6.16 33.37
CA GLU A 270 3.39 4.80 33.72
C GLU A 270 4.55 4.03 34.34
N ASP A 271 4.21 2.92 34.99
CA ASP A 271 5.15 1.97 35.56
C ASP A 271 4.80 0.57 35.08
N TYR A 272 5.73 -0.36 35.29
CA TYR A 272 5.55 -1.75 34.86
C TYR A 272 4.99 -2.64 35.96
N MET A 273 4.18 -2.06 36.87
CA MET A 273 3.72 -2.83 38.02
C MET A 273 2.74 -3.93 37.62
N GLU A 274 1.94 -3.70 36.58
CA GLU A 274 0.92 -4.67 36.21
C GLU A 274 1.56 -6.02 35.86
N TYR A 275 2.67 -6.01 35.14
CA TYR A 275 3.38 -7.23 34.79
C TYR A 275 4.29 -7.72 35.90
N SER A 276 4.45 -6.95 36.98
CA SER A 276 5.33 -7.38 38.06
C SER A 276 4.94 -8.75 38.60
N GLU A 277 3.66 -9.09 38.56
CA GLU A 277 3.17 -10.33 39.17
C GLU A 277 2.72 -11.36 38.14
N CYS A 278 2.81 -11.05 36.85
CA CYS A 278 2.46 -12.02 35.82
C CYS A 278 3.54 -13.10 35.72
N GLU A 279 3.10 -14.34 35.53
CA GLU A 279 4.04 -15.44 35.40
C GLU A 279 4.99 -15.20 34.25
N GLU A 280 6.28 -15.48 34.48
CA GLU A 280 7.29 -15.33 33.43
C GLU A 280 6.88 -16.08 32.17
N VAL A 281 6.28 -17.26 32.34
CA VAL A 281 5.76 -18.06 31.23
C VAL A 281 4.29 -18.35 31.53
N THR A 282 3.40 -17.76 30.75
CA THR A 282 1.97 -17.92 31.01
C THR A 282 1.60 -19.39 30.98
N PRO A 283 0.97 -19.92 32.03
CA PRO A 283 0.61 -21.34 32.04
C PRO A 283 -0.24 -21.71 30.84
N GLY A 284 -0.15 -22.98 30.46
CA GLY A 284 -0.91 -23.47 29.32
C GLY A 284 -0.60 -24.94 29.10
N ARG A 285 -1.37 -25.53 28.19
CA ARG A 285 -1.23 -26.95 27.85
C ARG A 285 -0.26 -27.07 26.69
N TYR A 286 0.95 -27.52 26.98
CA TYR A 286 1.99 -27.67 25.96
C TYR A 286 1.92 -29.03 25.31
N GLU A 287 2.08 -29.05 23.99
CA GLU A 287 2.01 -30.29 23.22
C GLU A 287 3.18 -30.29 22.24
N ASP A 288 3.08 -31.14 21.21
CA ASP A 288 4.17 -31.26 20.24
C ASP A 288 4.26 -30.02 19.35
N LYS A 289 3.16 -29.65 18.71
CA LYS A 289 3.17 -28.58 17.73
C LYS A 289 2.30 -27.39 18.10
N GLN A 290 1.77 -27.34 19.33
CA GLN A 290 0.90 -26.23 19.70
C GLN A 290 0.79 -26.13 21.22
N ILE A 291 0.36 -24.95 21.66
CA ILE A 291 0.04 -24.68 23.05
C ILE A 291 -1.42 -24.27 23.13
N SER A 292 -2.10 -24.70 24.20
CA SER A 292 -3.53 -24.44 24.36
C SER A 292 -3.76 -23.71 25.68
N TYR A 293 -4.51 -22.63 25.63
CA TYR A 293 -4.88 -21.85 26.80
C TYR A 293 -6.40 -21.85 26.96
N THR A 294 -6.86 -22.10 28.17
CA THR A 294 -8.29 -22.08 28.48
C THR A 294 -8.57 -21.00 29.51
N PHE A 295 -9.74 -20.37 29.39
CA PHE A 295 -10.16 -19.37 30.36
C PHE A 295 -11.68 -19.25 30.34
N TYR A 296 -12.21 -18.75 31.45
CA TYR A 296 -13.63 -18.47 31.57
C TYR A 296 -13.92 -17.04 31.15
N THR A 297 -14.99 -16.86 30.37
CA THR A 297 -15.35 -15.55 29.88
C THR A 297 -16.87 -15.44 29.78
N ASP A 298 -17.40 -14.31 30.23
CA ASP A 298 -18.81 -13.97 30.07
C ASP A 298 -19.03 -12.98 28.95
N LEU A 299 -18.03 -12.78 28.09
CA LEU A 299 -18.14 -11.78 27.04
C LEU A 299 -19.20 -12.15 26.01
N PHE A 300 -19.42 -13.45 25.79
CA PHE A 300 -20.43 -13.87 24.83
C PHE A 300 -21.82 -13.86 25.41
N GLN A 301 -21.96 -13.95 26.74
CA GLN A 301 -23.28 -13.90 27.35
C GLN A 301 -23.75 -12.47 27.55
N THR A 302 -22.83 -11.54 27.83
CA THR A 302 -23.19 -10.13 27.97
C THR A 302 -23.43 -9.47 26.62
N ALA A 303 -22.90 -10.02 25.53
CA ALA A 303 -23.13 -9.45 24.21
C ALA A 303 -24.61 -9.30 23.93
N ASP A 304 -25.43 -10.22 24.45
CA ASP A 304 -26.88 -10.13 24.33
C ASP A 304 -27.30 -10.16 22.85
N GLY A 305 -26.88 -11.23 22.18
CA GLY A 305 -27.21 -11.39 20.78
C GLY A 305 -26.45 -10.49 19.83
N GLU A 306 -25.36 -9.87 20.30
CA GLU A 306 -24.55 -9.00 19.47
C GLU A 306 -23.28 -9.71 19.01
N PRO A 307 -22.72 -9.29 17.88
CA PRO A 307 -21.48 -9.90 17.39
C PRO A 307 -20.30 -9.61 18.29
N VAL A 308 -19.31 -10.48 18.24
CA VAL A 308 -18.07 -10.34 18.99
C VAL A 308 -16.91 -10.35 18.00
N LEU A 309 -16.03 -9.35 18.12
CA LEU A 309 -14.85 -9.25 17.27
C LEU A 309 -13.67 -9.81 18.05
N ALA A 310 -13.16 -10.96 17.61
CA ALA A 310 -11.99 -11.59 18.21
C ALA A 310 -10.76 -11.29 17.36
N SER A 311 -9.77 -10.63 17.97
CA SER A 311 -8.53 -10.29 17.30
C SER A 311 -7.37 -10.94 18.05
N VAL A 312 -6.64 -11.81 17.38
CA VAL A 312 -5.47 -12.46 17.96
C VAL A 312 -4.28 -12.20 17.06
N TRP A 313 -3.14 -11.90 17.68
CA TRP A 313 -1.90 -11.71 16.95
C TRP A 313 -0.75 -12.07 17.86
N GLY A 314 0.36 -12.49 17.26
CA GLY A 314 1.52 -12.90 18.03
C GLY A 314 2.79 -12.63 17.26
N THR A 315 3.85 -12.34 18.00
CA THR A 315 5.18 -12.17 17.43
C THR A 315 6.16 -12.95 18.30
N SER A 316 6.92 -13.84 17.67
CA SER A 316 7.97 -14.58 18.35
C SER A 316 9.33 -13.90 18.27
N GLY A 317 9.37 -12.66 17.77
CA GLY A 317 10.61 -11.98 17.51
C GLY A 317 10.78 -10.74 18.39
N LEU A 318 12.01 -10.22 18.37
CA LEU A 318 12.39 -9.07 19.17
C LEU A 318 12.66 -7.86 18.29
N LYS A 319 13.86 -7.79 17.71
CA LYS A 319 14.15 -6.80 16.67
C LYS A 319 13.02 -6.78 15.64
N ASP A 320 12.62 -7.95 15.17
CA ASP A 320 11.57 -8.07 14.17
C ASP A 320 11.29 -9.54 13.88
N SER A 321 10.04 -9.85 13.56
CA SER A 321 9.63 -11.20 13.19
C SER A 321 8.23 -11.09 12.62
N ALA A 322 7.87 -12.07 11.80
CA ALA A 322 6.58 -12.06 11.14
C ALA A 322 5.45 -11.92 12.15
N TYR A 323 4.68 -10.85 12.03
CA TYR A 323 3.47 -10.67 12.82
C TYR A 323 2.39 -11.59 12.29
N GLU A 324 1.97 -12.55 13.10
CA GLU A 324 0.85 -13.41 12.77
C GLU A 324 -0.41 -12.83 13.40
N SER A 325 -1.37 -12.45 12.56
CA SER A 325 -2.59 -11.82 13.01
C SER A 325 -3.80 -12.54 12.44
N CYS A 326 -4.90 -12.52 13.19
CA CYS A 326 -6.14 -13.13 12.77
C CYS A 326 -7.29 -12.37 13.40
N ALA A 327 -8.48 -12.52 12.81
CA ALA A 327 -9.66 -11.82 13.29
C ALA A 327 -10.89 -12.61 12.91
N PHE A 328 -11.84 -12.68 13.83
CA PHE A 328 -13.11 -13.38 13.60
C PHE A 328 -14.25 -12.54 14.13
N VAL A 329 -15.44 -12.79 13.60
CA VAL A 329 -16.67 -12.19 14.11
C VAL A 329 -17.58 -13.31 14.54
N ILE A 330 -17.94 -13.33 15.82
CA ILE A 330 -18.73 -14.41 16.41
C ILE A 330 -20.15 -13.91 16.63
N PRO A 331 -21.13 -14.40 15.88
CA PRO A 331 -22.52 -14.08 16.20
C PRO A 331 -22.98 -14.83 17.44
N THR A 332 -23.65 -14.13 18.35
CA THR A 332 -24.03 -14.68 19.64
C THR A 332 -25.47 -15.19 19.66
N ASP A 333 -26.07 -15.43 18.50
CA ASP A 333 -27.40 -16.01 18.42
C ASP A 333 -27.82 -16.07 16.96
N GLY A 334 -28.74 -16.98 16.67
CA GLY A 334 -29.27 -17.15 15.33
C GLY A 334 -28.71 -18.38 14.63
N GLU A 335 -28.79 -18.35 13.31
CA GLU A 335 -28.26 -19.44 12.50
C GLU A 335 -26.77 -19.60 12.72
N GLU A 336 -26.33 -20.85 12.85
CA GLU A 336 -24.94 -21.16 13.20
C GLU A 336 -24.50 -20.34 14.41
N ASP A 337 -25.01 -20.76 15.56
CA ASP A 337 -24.90 -19.98 16.79
C ASP A 337 -23.56 -20.20 17.46
N LEU A 338 -22.90 -19.11 17.85
CA LEU A 338 -21.68 -19.15 18.65
C LEU A 338 -20.59 -19.98 17.96
N VAL A 339 -20.33 -19.65 16.70
CA VAL A 339 -19.28 -20.31 15.93
C VAL A 339 -18.46 -19.23 15.22
N PRO A 340 -17.14 -19.20 15.40
CA PRO A 340 -16.34 -18.14 14.78
C PRO A 340 -16.50 -18.13 13.25
N ARG A 341 -16.62 -16.94 12.71
CA ARG A 341 -16.69 -16.73 11.26
C ARG A 341 -15.46 -15.94 10.84
N ARG A 342 -14.77 -16.43 9.81
CA ARG A 342 -13.45 -15.92 9.46
C ARG A 342 -13.54 -14.74 8.50
N ILE A 343 -12.70 -13.74 8.74
CA ILE A 343 -12.57 -12.60 7.86
C ILE A 343 -11.39 -12.75 6.91
N MET A 344 -10.27 -13.26 7.42
CA MET A 344 -9.11 -13.55 6.60
C MET A 344 -9.35 -14.84 5.81
N SER A 345 -8.43 -15.13 4.89
CA SER A 345 -8.51 -16.39 4.15
C SER A 345 -8.63 -17.57 5.08
N LYS A 346 -7.76 -17.62 6.09
CA LYS A 346 -7.76 -18.68 7.09
C LYS A 346 -6.68 -18.41 8.12
N CYS A 347 -6.86 -18.89 9.34
CA CYS A 347 -5.92 -18.64 10.42
C CYS A 347 -5.13 -19.92 10.67
N TYR A 348 -3.87 -19.92 10.25
CA TYR A 348 -2.99 -21.05 10.48
C TYR A 348 -2.38 -20.97 11.88
N PRO A 349 -1.75 -19.85 12.24
CA PRO A 349 -1.05 -19.80 13.53
C PRO A 349 -1.95 -20.00 14.72
N PHE A 350 -3.20 -19.52 14.68
CA PHE A 350 -4.07 -19.50 15.84
C PHE A 350 -5.39 -20.19 15.55
N ARG A 351 -5.94 -20.82 16.60
CA ARG A 351 -7.23 -21.49 16.53
C ARG A 351 -8.02 -21.15 17.79
N LEU A 352 -9.30 -20.85 17.61
CA LEU A 352 -10.13 -20.34 18.71
C LEU A 352 -11.49 -21.03 18.68
N THR A 353 -11.90 -21.56 19.82
CA THR A 353 -13.22 -22.20 19.96
C THR A 353 -13.82 -21.84 21.31
N TYR A 354 -15.14 -21.67 21.33
CA TYR A 354 -15.88 -21.28 22.52
C TYR A 354 -16.81 -22.41 22.95
N HIS A 355 -16.86 -22.66 24.25
CA HIS A 355 -17.68 -23.73 24.81
C HIS A 355 -18.78 -23.11 25.66
N PRO A 356 -19.99 -22.95 25.13
CA PRO A 356 -21.03 -22.25 25.91
C PRO A 356 -21.41 -22.97 27.19
N SER A 357 -21.43 -24.30 27.18
CA SER A 357 -21.82 -25.04 28.37
C SER A 357 -20.98 -24.65 29.58
N THR A 358 -19.66 -24.58 29.39
CA THR A 358 -18.76 -24.17 30.46
C THR A 358 -18.42 -22.69 30.41
N MET A 359 -18.85 -21.97 29.37
CA MET A 359 -18.50 -20.56 29.20
C MET A 359 -17.00 -20.36 29.21
N THR A 360 -16.28 -21.28 28.56
CA THR A 360 -14.83 -21.24 28.47
C THR A 360 -14.40 -21.10 27.02
N VAL A 361 -13.25 -20.47 26.82
CA VAL A 361 -12.65 -20.29 25.52
C VAL A 361 -11.31 -21.01 25.49
N ARG A 362 -10.98 -21.60 24.35
CA ARG A 362 -9.73 -22.32 24.17
C ARG A 362 -8.96 -21.72 23.01
N LEU A 363 -7.73 -21.29 23.26
CA LEU A 363 -6.86 -20.71 22.25
C LEU A 363 -5.71 -21.68 21.98
N ASP A 364 -5.46 -21.95 20.69
CA ASP A 364 -4.40 -22.85 20.26
C ASP A 364 -3.38 -22.06 19.45
N VAL A 365 -2.11 -22.23 19.79
CA VAL A 365 -1.02 -21.52 19.14
C VAL A 365 -0.06 -22.55 18.55
N ARG A 366 0.16 -22.47 17.24
CA ARG A 366 1.14 -23.33 16.60
C ARG A 366 2.55 -22.85 16.94
N VAL A 367 3.39 -23.76 17.41
CA VAL A 367 4.74 -23.44 17.85
C VAL A 367 5.71 -24.50 17.31
N GLU A 368 7.00 -24.20 17.42
CA GLU A 368 8.03 -25.14 17.01
C GLU A 368 8.27 -26.15 18.12
N LYS A 369 8.35 -27.43 17.75
CA LYS A 369 8.35 -28.51 18.73
C LYS A 369 9.62 -28.55 19.59
N HIS A 370 10.60 -27.70 19.32
CA HIS A 370 11.86 -27.72 20.05
C HIS A 370 11.89 -26.55 21.04
N HIS A 371 11.99 -26.87 22.32
CA HIS A 371 12.18 -25.84 23.34
C HIS A 371 13.65 -25.48 23.43
N GLY A 372 13.91 -24.23 23.79
CA GLY A 372 15.29 -23.77 23.90
C GLY A 372 15.39 -22.52 24.73
N ALA A 373 16.63 -22.15 25.03
CA ALA A 373 16.90 -20.95 25.81
C ALA A 373 16.80 -19.72 24.93
N THR A 374 16.48 -18.59 25.57
CA THR A 374 16.33 -17.31 24.88
C THR A 374 15.06 -17.29 24.04
N ASP A 375 14.41 -18.45 23.90
CA ASP A 375 13.16 -18.54 23.13
C ASP A 375 12.04 -17.86 23.90
N GLN A 376 11.64 -16.67 23.45
CA GLN A 376 10.57 -15.91 24.07
C GLN A 376 9.57 -15.48 23.01
N GLY A 377 8.30 -15.83 23.21
CA GLY A 377 7.26 -15.41 22.32
C GLY A 377 6.16 -14.69 23.06
N PHE A 378 5.40 -13.90 22.31
CA PHE A 378 4.30 -13.11 22.86
C PHE A 378 3.08 -13.25 21.98
N VAL A 379 1.92 -13.44 22.62
CA VAL A 379 0.63 -13.53 21.93
C VAL A 379 -0.36 -12.65 22.66
N PHE A 380 -1.27 -12.05 21.90
CA PHE A 380 -2.28 -11.15 22.46
C PHE A 380 -3.62 -11.44 21.81
N LEU A 381 -4.63 -11.76 22.61
CA LEU A 381 -5.98 -12.03 22.14
C LEU A 381 -6.92 -11.00 22.74
N LYS A 382 -7.60 -10.25 21.88
CA LYS A 382 -8.55 -9.23 22.31
C LYS A 382 -9.92 -9.58 21.76
N MET A 383 -10.83 -9.95 22.64
CA MET A 383 -12.23 -10.17 22.29
C MET A 383 -13.04 -9.00 22.81
N GLU A 384 -13.88 -8.42 21.95
CA GLU A 384 -14.59 -7.21 22.29
C GLU A 384 -15.95 -7.19 21.60
N SER A 385 -16.96 -6.75 22.34
CA SER A 385 -18.29 -6.49 21.82
C SER A 385 -18.49 -4.98 21.79
N GLY A 386 -19.76 -4.55 21.79
CA GLY A 386 -20.03 -3.13 21.79
C GLY A 386 -19.79 -2.49 23.14
N THR A 387 -19.97 -3.24 24.22
CA THR A 387 -19.89 -2.71 25.57
C THR A 387 -18.83 -3.36 26.45
N TYR A 388 -18.39 -4.57 26.13
CA TYR A 388 -17.37 -5.28 26.89
C TYR A 388 -16.14 -5.50 26.04
N SER A 389 -15.00 -5.71 26.70
CA SER A 389 -13.73 -5.84 26.02
C SER A 389 -12.75 -6.58 26.92
N GLU A 390 -12.25 -7.72 26.45
CA GLU A 390 -11.26 -8.50 27.20
C GLU A 390 -9.99 -8.63 26.37
N GLY A 391 -8.86 -8.32 26.98
CA GLY A 391 -7.56 -8.55 26.37
C GLY A 391 -6.74 -9.49 27.24
N ARG A 392 -6.05 -10.43 26.62
CA ARG A 392 -5.29 -11.45 27.33
C ARG A 392 -3.92 -11.59 26.70
N GLU A 393 -2.88 -11.41 27.51
CA GLU A 393 -1.49 -11.51 27.06
C GLU A 393 -0.92 -12.85 27.47
N TYR A 394 -0.27 -13.53 26.52
CA TYR A 394 0.35 -14.83 26.75
C TYR A 394 1.84 -14.73 26.44
N TYR A 395 2.67 -15.22 27.35
CA TYR A 395 4.12 -15.21 27.20
C TYR A 395 4.60 -16.65 27.02
N LEU A 396 5.22 -16.94 25.88
CA LEU A 396 5.66 -18.29 25.55
C LEU A 396 7.17 -18.41 25.69
N ASP A 397 7.60 -19.61 26.06
CA ASP A 397 9.01 -19.98 26.03
C ASP A 397 9.37 -20.77 24.78
N ARG A 398 8.47 -20.79 23.79
CA ARG A 398 8.70 -21.43 22.50
C ARG A 398 8.63 -20.39 21.40
N VAL A 399 8.90 -20.82 20.16
CA VAL A 399 8.93 -19.95 19.00
C VAL A 399 7.62 -20.11 18.24
N LEU A 400 7.00 -18.99 17.88
CA LEU A 400 5.76 -19.02 17.13
C LEU A 400 6.02 -19.38 15.68
N TRP A 401 5.05 -20.06 15.07
CA TRP A 401 5.17 -20.45 13.67
C TRP A 401 5.37 -19.23 12.77
N SER B 18 -17.42 -6.30 -9.52
CA SER B 18 -17.71 -7.73 -9.55
C SER B 18 -16.84 -8.44 -10.58
N SER B 19 -17.48 -9.12 -11.53
CA SER B 19 -16.79 -9.78 -12.62
C SER B 19 -16.49 -8.84 -13.78
N ARG B 20 -16.47 -7.53 -13.53
CA ARG B 20 -16.29 -6.53 -14.57
C ARG B 20 -14.93 -5.82 -14.46
N LEU B 21 -13.92 -6.53 -13.96
CA LEU B 21 -12.58 -5.99 -13.83
C LEU B 21 -11.68 -6.51 -14.95
N LEU B 22 -10.46 -5.99 -15.00
CA LEU B 22 -9.49 -6.46 -15.96
C LEU B 22 -9.15 -7.92 -15.69
N THR B 23 -8.77 -8.63 -16.75
CA THR B 23 -8.34 -10.02 -16.65
C THR B 23 -7.17 -10.23 -17.59
N GLN B 24 -6.38 -11.25 -17.29
CA GLN B 24 -5.22 -11.58 -18.09
C GLN B 24 -5.17 -13.08 -18.35
N ASP B 25 -4.66 -13.43 -19.53
CA ASP B 25 -4.40 -14.82 -19.90
C ASP B 25 -2.96 -14.93 -20.36
N ILE B 26 -2.35 -16.08 -20.08
CA ILE B 26 -0.99 -16.37 -20.47
C ILE B 26 -1.03 -17.17 -21.76
N LEU B 27 -0.53 -16.57 -22.83
CA LEU B 27 -0.58 -17.19 -24.14
C LEU B 27 0.61 -18.13 -24.34
N PHE B 28 0.37 -19.20 -25.09
CA PHE B 28 1.41 -20.18 -25.39
C PHE B 28 1.86 -19.97 -26.82
N ARG B 29 2.77 -19.01 -27.00
CA ARG B 29 3.26 -18.68 -28.33
C ARG B 29 3.94 -19.87 -28.98
N LYS B 30 3.77 -19.98 -30.30
CA LYS B 30 4.44 -21.03 -31.06
C LYS B 30 5.89 -20.65 -31.38
N ASP B 31 6.07 -19.52 -32.05
CA ASP B 31 7.40 -19.03 -32.42
C ASP B 31 7.74 -17.85 -31.52
N ARG B 32 8.62 -18.06 -30.55
CA ARG B 32 9.05 -17.01 -29.65
C ARG B 32 10.00 -16.02 -30.31
N GLN B 33 10.54 -16.36 -31.48
CA GLN B 33 11.42 -15.44 -32.20
C GLN B 33 10.65 -14.42 -33.01
N ALA B 34 9.41 -14.73 -33.40
CA ALA B 34 8.62 -13.82 -34.21
C ALA B 34 8.47 -12.46 -33.52
N THR B 35 8.37 -11.42 -34.32
CA THR B 35 8.25 -10.06 -33.82
C THR B 35 7.26 -9.29 -34.68
N ILE B 36 6.91 -8.09 -34.23
CA ILE B 36 6.01 -7.22 -34.96
C ILE B 36 6.76 -6.61 -36.14
N SER B 37 6.21 -6.78 -37.34
CA SER B 37 6.83 -6.27 -38.56
C SER B 37 6.07 -5.04 -39.03
N LEU B 38 6.81 -3.96 -39.27
CA LEU B 38 6.22 -2.70 -39.73
C LEU B 38 6.53 -2.45 -41.21
N PRO B 39 5.55 -1.91 -41.94
CA PRO B 39 4.21 -1.59 -41.45
C PRO B 39 3.41 -2.83 -41.07
N ILE B 40 2.26 -2.62 -40.42
CA ILE B 40 1.43 -3.73 -40.00
C ILE B 40 0.97 -4.52 -41.21
N LYS B 41 1.10 -5.84 -41.15
CA LYS B 41 0.70 -6.70 -42.25
C LYS B 41 -0.24 -7.81 -41.83
N LEU B 42 -0.66 -7.84 -40.57
CA LEU B 42 -1.50 -8.90 -40.03
C LEU B 42 -2.71 -8.30 -39.35
N PRO B 43 -3.81 -9.06 -39.24
CA PRO B 43 -4.94 -8.60 -38.43
C PRO B 43 -4.58 -8.61 -36.96
N VAL B 44 -5.37 -7.87 -36.18
CA VAL B 44 -5.07 -7.71 -34.76
C VAL B 44 -5.02 -9.06 -34.07
N GLU B 45 -5.97 -9.94 -34.37
CA GLU B 45 -6.02 -11.24 -33.71
C GLU B 45 -4.74 -12.02 -33.95
N ASP B 46 -4.29 -12.09 -35.20
CA ASP B 46 -3.06 -12.83 -35.51
C ASP B 46 -1.83 -12.18 -34.87
N ILE B 47 -1.87 -10.86 -34.67
CA ILE B 47 -0.76 -10.20 -33.99
C ILE B 47 -0.68 -10.66 -32.54
N ILE B 48 -1.83 -10.83 -31.89
CA ILE B 48 -1.82 -11.33 -30.51
C ILE B 48 -1.29 -12.75 -30.47
N THR B 49 -1.80 -13.61 -31.36
CA THR B 49 -1.46 -15.02 -31.34
C THR B 49 0.01 -15.28 -31.65
N GLN B 50 0.68 -14.38 -32.37
CA GLN B 50 2.04 -14.64 -32.82
C GLN B 50 3.11 -13.87 -32.06
N THR B 51 2.75 -12.83 -31.32
CA THR B 51 3.74 -11.99 -30.66
C THR B 51 3.45 -11.71 -29.19
N CYS B 52 2.31 -12.16 -28.66
CA CYS B 52 1.93 -11.89 -27.28
C CYS B 52 2.15 -13.14 -26.44
N ASP B 53 3.02 -13.02 -25.44
CA ASP B 53 3.13 -14.04 -24.40
C ASP B 53 2.08 -13.86 -23.32
N LYS B 54 1.48 -12.69 -23.23
CA LYS B 54 0.54 -12.36 -22.18
C LYS B 54 -0.41 -11.29 -22.70
N ILE B 55 -1.70 -11.46 -22.42
CA ILE B 55 -2.74 -10.56 -22.91
C ILE B 55 -3.55 -10.06 -21.72
N THR B 56 -3.97 -8.80 -21.79
CA THR B 56 -4.79 -8.17 -20.76
C THR B 56 -5.99 -7.52 -21.43
N TYR B 57 -7.19 -7.99 -21.08
CA TYR B 57 -8.41 -7.49 -21.69
C TYR B 57 -9.01 -6.39 -20.82
N GLY B 58 -9.43 -5.30 -21.45
CA GLY B 58 -10.04 -4.19 -20.74
C GLY B 58 -10.89 -3.33 -21.64
N PRO B 59 -11.50 -2.29 -21.09
CA PRO B 59 -12.37 -1.41 -21.87
C PRO B 59 -11.64 -0.21 -22.44
N LEU B 60 -12.13 0.25 -23.59
CA LEU B 60 -11.64 1.45 -24.24
C LEU B 60 -12.59 2.60 -23.92
N LYS B 61 -12.15 3.50 -23.05
CA LYS B 61 -12.96 4.62 -22.60
C LYS B 61 -12.33 5.94 -23.04
N PHE B 62 -13.17 6.86 -23.49
CA PHE B 62 -12.72 8.17 -23.93
C PHE B 62 -13.28 9.25 -23.01
N LEU B 63 -12.62 10.41 -23.02
CA LEU B 63 -12.98 11.50 -22.13
C LEU B 63 -12.76 12.82 -22.87
N ASP B 64 -13.83 13.58 -23.05
CA ASP B 64 -13.74 14.84 -23.77
C ASP B 64 -12.88 15.82 -22.99
N LEU B 65 -11.66 16.09 -23.48
CA LEU B 65 -10.73 16.98 -22.81
C LEU B 65 -10.01 17.82 -23.86
N LEU B 66 -9.82 19.10 -23.56
CA LEU B 66 -9.11 20.01 -24.46
C LEU B 66 -9.74 20.00 -25.85
N GLU B 67 -11.07 19.88 -25.88
CA GLU B 67 -11.87 19.96 -27.10
C GLU B 67 -11.81 18.68 -27.93
N LYS B 68 -11.31 17.58 -27.39
CA LYS B 68 -11.24 16.33 -28.13
C LYS B 68 -11.44 15.17 -27.18
N GLU B 69 -12.11 14.13 -27.65
CA GLU B 69 -12.23 12.90 -26.87
C GLU B 69 -10.86 12.27 -26.72
N THR B 70 -10.43 12.05 -25.49
CA THR B 70 -9.08 11.63 -25.18
C THR B 70 -9.09 10.27 -24.48
N ALA B 71 -8.21 9.38 -24.90
CA ALA B 71 -8.01 8.09 -24.26
C ALA B 71 -6.56 7.98 -23.84
N VAL B 72 -6.33 7.54 -22.60
CA VAL B 72 -5.00 7.39 -22.03
C VAL B 72 -4.79 5.91 -21.75
N LEU B 73 -3.78 5.33 -22.41
CA LEU B 73 -3.55 3.90 -22.30
C LEU B 73 -2.15 3.62 -21.77
N PRO B 74 -1.97 2.62 -20.92
CA PRO B 74 -0.64 2.27 -20.47
C PRO B 74 0.06 1.30 -21.42
N LEU B 75 1.31 1.57 -21.77
CA LEU B 75 2.05 0.66 -22.63
C LEU B 75 2.26 -0.69 -21.95
N SER B 76 2.31 -0.71 -20.63
CA SER B 76 2.36 -1.95 -19.87
C SER B 76 1.36 -1.84 -18.71
N THR B 77 0.36 -2.71 -18.72
CA THR B 77 -0.69 -2.63 -17.70
C THR B 77 -0.13 -2.88 -16.30
N ASP B 78 0.65 -3.95 -16.15
CA ASP B 78 1.30 -4.28 -14.89
C ASP B 78 2.79 -4.01 -15.04
N ILE B 79 3.32 -3.21 -14.12
CA ILE B 79 4.70 -2.75 -14.24
C ILE B 79 5.65 -3.75 -13.60
N THR B 80 5.90 -4.87 -14.28
CA THR B 80 6.88 -5.82 -13.81
C THR B 80 8.23 -5.15 -13.57
N CYS B 81 8.57 -4.16 -14.40
CA CYS B 81 9.77 -3.37 -14.19
C CYS B 81 9.49 -1.93 -14.64
N PRO B 82 9.32 -1.00 -13.70
CA PRO B 82 8.93 0.36 -14.10
C PRO B 82 9.95 1.06 -14.98
N ALA B 83 11.22 1.06 -14.58
CA ALA B 83 12.23 1.84 -15.29
C ALA B 83 12.78 1.12 -16.51
N CYS B 84 12.48 -0.16 -16.70
CA CYS B 84 12.93 -0.87 -17.89
C CYS B 84 12.39 -0.20 -19.15
N LEU B 85 13.19 -0.20 -20.20
CA LEU B 85 12.79 0.31 -21.50
C LEU B 85 12.22 -0.81 -22.35
N GLY B 86 11.47 -0.41 -23.38
CA GLY B 86 10.87 -1.39 -24.26
C GLY B 86 10.34 -0.72 -25.51
N ARG B 87 9.90 -1.56 -26.45
CA ARG B 87 9.33 -1.10 -27.71
C ARG B 87 7.84 -1.44 -27.70
N ALA B 88 7.01 -0.41 -27.80
CA ALA B 88 5.57 -0.57 -27.79
C ALA B 88 4.99 -0.23 -29.16
N VAL B 89 3.96 -0.98 -29.56
CA VAL B 89 3.29 -0.78 -30.83
C VAL B 89 1.80 -0.68 -30.56
N LEU B 90 1.19 0.42 -30.98
CA LEU B 90 -0.24 0.62 -30.87
C LEU B 90 -0.90 0.26 -32.19
N VAL B 91 -1.96 -0.56 -32.14
CA VAL B 91 -2.67 -1.01 -33.33
C VAL B 91 -4.15 -0.91 -33.04
N GLY B 92 -4.82 0.08 -33.63
CA GLY B 92 -6.23 0.33 -33.40
C GLY B 92 -7.07 -0.05 -34.61
N LYS B 93 -8.32 -0.43 -34.35
CA LYS B 93 -9.27 -0.80 -35.39
C LYS B 93 -10.14 0.40 -35.70
N TRP B 94 -10.18 0.80 -36.97
CA TRP B 94 -10.85 2.02 -37.40
C TRP B 94 -12.00 1.70 -38.35
N GLU B 95 -13.19 2.22 -38.03
CA GLU B 95 -14.35 2.15 -38.89
C GLU B 95 -15.43 3.06 -38.29
N CYS B 96 -15.57 4.29 -38.83
CA CYS B 96 -16.60 5.19 -38.37
C CYS B 96 -17.90 4.81 -39.02
N PRO B 97 -19.00 4.75 -38.27
CA PRO B 97 -20.29 4.38 -38.86
C PRO B 97 -20.80 5.46 -39.80
N ALA B 98 -21.76 5.08 -40.66
CA ALA B 98 -22.23 5.95 -41.74
C ALA B 98 -22.55 7.38 -41.26
N HIS B 99 -23.28 7.50 -40.16
CA HIS B 99 -23.74 8.81 -39.70
C HIS B 99 -22.63 9.63 -39.03
N VAL B 100 -21.40 9.16 -39.02
CA VAL B 100 -20.28 9.86 -38.40
C VAL B 100 -19.33 10.31 -39.50
N ALA B 101 -19.29 11.61 -39.76
CA ALA B 101 -18.45 12.16 -40.81
C ALA B 101 -17.12 12.64 -40.23
N VAL B 102 -16.34 11.67 -39.76
CA VAL B 102 -15.02 11.92 -39.20
C VAL B 102 -13.99 11.29 -40.12
N ASN B 103 -12.98 12.06 -40.50
CA ASN B 103 -11.94 11.58 -41.38
C ASN B 103 -10.82 10.92 -40.58
N GLU B 104 -10.14 9.96 -41.21
CA GLU B 104 -9.00 9.32 -40.58
C GLU B 104 -7.92 10.31 -40.19
N SER B 105 -7.88 11.47 -40.86
CA SER B 105 -6.87 12.49 -40.55
C SER B 105 -7.16 13.22 -39.25
N ASP B 106 -8.30 12.97 -38.62
CA ASP B 106 -8.64 13.62 -37.36
C ASP B 106 -8.08 12.89 -36.14
N LEU B 107 -7.71 11.62 -36.28
CA LEU B 107 -7.18 10.86 -35.17
C LEU B 107 -5.71 11.18 -34.98
N THR B 108 -5.36 11.69 -33.80
CA THR B 108 -3.98 11.97 -33.44
C THR B 108 -3.60 11.16 -32.21
N VAL B 109 -2.35 10.73 -32.16
CA VAL B 109 -1.82 9.96 -31.04
C VAL B 109 -0.42 10.46 -30.72
N PHE B 110 -0.03 10.28 -29.46
CA PHE B 110 1.32 10.63 -29.03
C PHE B 110 1.64 9.82 -27.78
N GLY B 111 2.91 9.86 -27.39
CA GLY B 111 3.38 9.10 -26.25
C GLY B 111 4.76 9.54 -25.81
N PRO B 112 5.55 8.59 -25.29
CA PRO B 112 6.90 8.94 -24.88
C PRO B 112 7.80 9.20 -26.07
N ASN B 113 8.60 10.26 -25.96
CA ASN B 113 9.57 10.63 -27.00
C ASN B 113 8.88 10.84 -28.35
N LYS B 114 7.67 11.40 -28.32
CA LYS B 114 6.95 11.71 -29.54
C LYS B 114 5.95 12.81 -29.27
N GLU B 115 5.70 13.61 -30.30
CA GLU B 115 4.71 14.68 -30.24
C GLU B 115 3.46 14.24 -30.98
N GLU B 116 2.35 14.92 -30.69
CA GLU B 116 1.07 14.57 -31.27
C GLU B 116 1.18 14.51 -32.78
N HIS B 117 0.71 13.40 -33.37
CA HIS B 117 0.76 13.22 -34.81
C HIS B 117 -0.36 12.28 -35.23
N VAL B 118 -0.50 12.12 -36.53
CA VAL B 118 -1.51 11.22 -37.10
C VAL B 118 -0.87 9.85 -37.30
N PRO B 119 -1.47 8.78 -36.80
CA PRO B 119 -0.90 7.45 -36.99
C PRO B 119 -1.01 6.99 -38.44
N GLN B 120 -0.14 6.05 -38.80
CA GLN B 120 -0.15 5.49 -40.14
C GLN B 120 -1.30 4.49 -40.27
N PHE B 121 -2.05 4.60 -41.35
CA PHE B 121 -3.18 3.71 -41.61
C PHE B 121 -2.81 2.68 -42.67
N VAL B 122 -3.56 1.57 -42.67
CA VAL B 122 -3.34 0.47 -43.60
C VAL B 122 -4.49 -0.52 -43.49
N THR B 123 -4.85 -1.14 -44.60
CA THR B 123 -5.91 -2.14 -44.63
C THR B 123 -5.29 -3.53 -44.71
N VAL B 124 -5.76 -4.43 -43.85
CA VAL B 124 -5.30 -5.81 -43.86
C VAL B 124 -6.52 -6.71 -43.99
N GLN B 125 -6.26 -7.97 -44.34
CA GLN B 125 -7.32 -8.93 -44.61
C GLN B 125 -7.25 -10.08 -43.63
N GLN B 126 -8.38 -10.42 -43.03
CA GLN B 126 -8.49 -11.59 -42.18
C GLN B 126 -8.48 -12.83 -43.04
N PRO B 127 -7.46 -13.69 -42.94
CA PRO B 127 -7.36 -14.81 -43.90
C PRO B 127 -8.60 -15.70 -43.92
N SER B 128 -9.05 -16.16 -42.75
CA SER B 128 -10.23 -17.02 -42.70
C SER B 128 -11.45 -16.28 -43.26
N ASP B 129 -11.87 -15.20 -42.57
CA ASP B 129 -13.01 -14.43 -43.03
C ASP B 129 -12.77 -13.85 -44.42
N GLY B 130 -11.51 -13.65 -44.80
CA GLY B 130 -11.20 -12.95 -46.02
C GLY B 130 -11.58 -11.49 -46.03
N LYS B 131 -12.09 -10.96 -44.93
CA LYS B 131 -12.58 -9.60 -44.88
C LYS B 131 -11.45 -8.61 -44.64
N MET B 132 -11.71 -7.35 -44.97
CA MET B 132 -10.73 -6.28 -44.86
C MET B 132 -11.01 -5.46 -43.62
N GLN B 133 -9.95 -5.18 -42.85
CA GLN B 133 -10.05 -4.34 -41.67
C GLN B 133 -9.10 -3.16 -41.83
N ARG B 134 -9.60 -1.96 -41.57
CA ARG B 134 -8.79 -0.75 -41.60
C ARG B 134 -8.20 -0.52 -40.22
N LEU B 135 -6.88 -0.33 -40.17
CA LEU B 135 -6.17 -0.20 -38.91
C LEU B 135 -5.25 1.02 -38.96
N PHE B 136 -5.03 1.60 -37.79
CA PHE B 136 -4.01 2.61 -37.59
C PHE B 136 -3.00 2.08 -36.59
N PHE B 137 -1.73 2.45 -36.77
CA PHE B 137 -0.69 1.98 -35.87
C PHE B 137 0.33 3.08 -35.65
N ALA B 138 1.14 2.89 -34.62
CA ALA B 138 2.17 3.85 -34.26
C ALA B 138 3.17 3.17 -33.33
N LYS B 139 4.44 3.57 -33.44
CA LYS B 139 5.52 2.95 -32.71
C LYS B 139 6.02 3.91 -31.64
N PHE B 140 6.27 3.37 -30.44
CA PHE B 140 6.77 4.14 -29.32
C PHE B 140 7.95 3.41 -28.67
N LEU B 141 8.82 4.19 -28.04
CA LEU B 141 9.97 3.64 -27.32
C LEU B 141 10.06 4.36 -25.99
N GLY B 142 9.82 3.63 -24.90
CA GLY B 142 9.92 4.22 -23.58
C GLY B 142 9.80 3.16 -22.51
N THR B 143 9.78 3.62 -21.26
CA THR B 143 9.69 2.73 -20.12
C THR B 143 8.29 2.12 -20.03
N GLU B 144 8.17 1.09 -19.20
CA GLU B 144 6.87 0.44 -19.03
C GLU B 144 5.84 1.38 -18.41
N GLU B 145 6.28 2.45 -17.76
CA GLU B 145 5.38 3.43 -17.19
C GLU B 145 4.88 4.46 -18.20
N SER B 146 5.29 4.34 -19.46
CA SER B 146 4.91 5.32 -20.46
C SER B 146 3.42 5.18 -20.80
N LEU B 147 2.90 6.20 -21.49
CA LEU B 147 1.49 6.28 -21.83
C LEU B 147 1.34 6.54 -23.32
N ALA B 148 0.16 6.20 -23.83
CA ALA B 148 -0.25 6.51 -25.19
C ALA B 148 -1.55 7.29 -25.13
N VAL B 149 -1.64 8.37 -25.90
CA VAL B 149 -2.77 9.27 -25.83
C VAL B 149 -3.42 9.33 -27.20
N LEU B 150 -4.66 8.88 -27.30
CA LEU B 150 -5.46 8.99 -28.50
C LEU B 150 -6.46 10.13 -28.36
N ARG B 151 -6.59 10.94 -29.41
CA ARG B 151 -7.50 12.08 -29.41
C ARG B 151 -8.32 12.05 -30.68
N VAL B 152 -9.64 11.94 -30.53
CA VAL B 152 -10.55 11.96 -31.67
C VAL B 152 -11.51 13.14 -31.51
N PRO B 153 -11.86 13.84 -32.58
CA PRO B 153 -12.62 15.07 -32.45
C PRO B 153 -14.10 14.79 -32.21
N GLY B 154 -14.85 15.88 -31.97
CA GLY B 154 -16.29 15.85 -31.90
C GLY B 154 -16.81 14.92 -30.84
N PRO B 155 -18.13 14.93 -30.64
CA PRO B 155 -18.74 14.03 -29.66
C PRO B 155 -18.95 12.61 -30.17
N ASP B 156 -18.73 12.37 -31.46
CA ASP B 156 -18.95 11.05 -32.04
C ASP B 156 -17.66 10.38 -32.50
N GLY B 157 -16.51 11.00 -32.27
CA GLY B 157 -15.27 10.44 -32.80
C GLY B 157 -14.95 9.08 -32.21
N HIS B 158 -15.25 8.89 -30.92
CA HIS B 158 -14.88 7.63 -30.26
C HIS B 158 -15.51 6.43 -30.93
N LEU B 159 -16.68 6.60 -31.58
CA LEU B 159 -17.32 5.49 -32.28
C LEU B 159 -16.46 4.97 -33.41
N CYS B 160 -15.37 5.68 -33.72
CA CYS B 160 -14.52 5.34 -34.84
C CYS B 160 -13.54 4.25 -34.49
N ILE B 161 -13.10 4.20 -33.23
CA ILE B 161 -12.07 3.29 -32.78
C ILE B 161 -12.80 2.12 -32.13
N GLN B 162 -12.84 0.99 -32.82
CA GLN B 162 -13.51 -0.19 -32.27
C GLN B 162 -12.71 -0.77 -31.10
N GLU B 163 -11.40 -0.84 -31.25
CA GLU B 163 -10.54 -1.38 -30.20
C GLU B 163 -9.12 -0.94 -30.48
N ALA B 164 -8.28 -1.04 -29.46
CA ALA B 164 -6.88 -0.65 -29.58
C ALA B 164 -6.01 -1.70 -28.89
N LEU B 165 -5.15 -2.34 -29.65
CA LEU B 165 -4.20 -3.29 -29.10
C LEU B 165 -2.86 -2.61 -28.85
N ILE B 166 -2.27 -2.90 -27.70
CA ILE B 166 -0.96 -2.37 -27.33
C ILE B 166 -0.05 -3.54 -27.05
N HIS B 167 0.97 -3.71 -27.89
CA HIS B 167 2.01 -4.70 -27.67
C HIS B 167 3.24 -4.01 -27.10
N PHE B 168 3.85 -4.63 -26.09
CA PHE B 168 5.04 -4.09 -25.46
C PHE B 168 6.08 -5.21 -25.37
N LYS B 169 7.13 -5.09 -26.17
CA LYS B 169 8.23 -6.05 -26.13
C LYS B 169 9.18 -5.64 -25.02
N GLU B 170 9.18 -6.38 -23.93
CA GLU B 170 9.97 -6.02 -22.76
C GLU B 170 11.45 -6.25 -23.02
N LEU B 171 12.28 -5.73 -22.12
CA LEU B 171 13.71 -5.96 -22.20
C LEU B 171 14.02 -7.46 -22.15
N SER B 172 13.22 -8.24 -21.45
CA SER B 172 13.41 -9.68 -21.38
C SER B 172 13.02 -10.39 -22.66
N GLY B 173 12.37 -9.68 -23.59
CA GLY B 173 11.88 -10.30 -24.80
C GLY B 173 10.46 -10.82 -24.72
N ALA B 174 9.79 -10.66 -23.59
CA ALA B 174 8.43 -11.14 -23.45
C ALA B 174 7.46 -10.17 -24.11
N GLY B 175 6.42 -10.72 -24.73
CA GLY B 175 5.39 -9.89 -25.32
C GLY B 175 4.23 -9.67 -24.39
N VAL B 176 4.17 -8.50 -23.75
CA VAL B 176 3.10 -8.15 -22.85
C VAL B 176 2.11 -7.27 -23.62
N CYS B 177 0.92 -7.81 -23.88
CA CYS B 177 -0.09 -7.13 -24.66
C CYS B 177 -1.31 -6.80 -23.81
N SER B 178 -2.06 -5.80 -24.24
CA SER B 178 -3.32 -5.42 -23.60
C SER B 178 -4.27 -4.94 -24.68
N LEU B 179 -5.48 -5.48 -24.67
CA LEU B 179 -6.48 -5.20 -25.70
C LEU B 179 -7.63 -4.43 -25.08
N TRP B 180 -7.81 -3.18 -25.51
CA TRP B 180 -8.85 -2.30 -24.98
C TRP B 180 -9.99 -2.24 -25.99
N LYS B 181 -11.07 -2.94 -25.69
CA LYS B 181 -12.24 -2.98 -26.54
C LYS B 181 -13.28 -1.97 -26.07
N ALA B 182 -13.99 -1.40 -27.03
CA ALA B 182 -15.07 -0.48 -26.73
C ALA B 182 -16.32 -1.26 -26.34
N ASN B 183 -16.98 -0.82 -25.27
CA ASN B 183 -18.14 -1.52 -24.73
C ASN B 183 -17.78 -2.94 -24.29
N ASP B 184 -16.56 -3.12 -23.80
CA ASP B 184 -16.17 -4.42 -23.27
C ASP B 184 -16.84 -4.66 -21.93
N SER B 185 -17.20 -5.93 -21.68
CA SER B 185 -17.95 -6.24 -20.47
C SER B 185 -17.21 -5.79 -19.21
N ARG B 186 -15.88 -5.70 -19.28
CA ARG B 186 -15.06 -5.30 -18.14
C ARG B 186 -15.09 -3.78 -18.02
N GLU B 187 -16.28 -3.26 -17.72
CA GLU B 187 -16.47 -1.82 -17.71
C GLU B 187 -15.68 -1.16 -16.59
N GLU B 188 -15.56 -1.82 -15.45
CA GLU B 188 -14.89 -1.24 -14.29
C GLU B 188 -13.39 -1.49 -14.28
N GLY B 189 -12.83 -2.07 -15.34
CA GLY B 189 -11.40 -2.33 -15.37
C GLY B 189 -10.58 -1.07 -15.46
N LEU B 190 -11.06 -0.08 -16.21
CA LEU B 190 -10.35 1.18 -16.39
C LEU B 190 -11.32 2.33 -16.16
N GLU B 191 -11.02 3.17 -15.19
CA GLU B 191 -11.85 4.33 -14.86
C GLU B 191 -10.95 5.57 -14.89
N MET B 192 -11.34 6.56 -15.68
CA MET B 192 -10.60 7.81 -15.79
C MET B 192 -11.53 8.97 -15.46
N LYS B 193 -11.10 9.82 -14.53
CA LYS B 193 -11.85 11.01 -14.14
C LYS B 193 -10.89 12.17 -13.97
N GLN B 194 -11.30 13.34 -14.44
CA GLN B 194 -10.42 14.50 -14.42
C GLN B 194 -10.21 15.00 -12.99
N VAL B 195 -9.00 15.45 -12.70
CA VAL B 195 -8.63 15.97 -11.40
C VAL B 195 -8.09 17.38 -11.57
N ASP B 196 -7.82 18.03 -10.44
CA ASP B 196 -7.28 19.38 -10.44
C ASP B 196 -5.76 19.33 -10.51
N CYS B 197 -5.18 20.04 -11.49
CA CYS B 197 -3.73 20.02 -11.66
C CYS B 197 -3.00 20.76 -10.55
N LEU B 198 -3.69 21.64 -9.82
CA LEU B 198 -3.07 22.38 -8.72
C LEU B 198 -1.86 23.19 -9.19
N GLU B 199 -1.84 23.55 -10.48
CA GLU B 199 -0.77 24.36 -11.04
C GLU B 199 0.59 23.73 -10.83
N THR B 200 0.64 22.39 -10.77
CA THR B 200 1.91 21.69 -10.63
C THR B 200 2.77 21.80 -11.88
N THR B 201 2.21 22.21 -13.00
CA THR B 201 2.92 22.20 -14.28
C THR B 201 2.84 23.58 -14.92
N VAL B 202 3.79 23.84 -15.81
CA VAL B 202 3.83 25.10 -16.56
C VAL B 202 3.12 25.00 -17.90
N LEU B 203 2.76 23.79 -18.34
CA LEU B 203 2.10 23.62 -19.63
C LEU B 203 0.89 24.56 -19.75
N GLU B 204 0.66 25.05 -20.96
CA GLU B 204 -0.51 25.89 -21.22
C GLU B 204 -1.75 25.01 -21.33
N ASN B 205 -2.83 25.44 -20.68
CA ASN B 205 -4.08 24.69 -20.68
C ASN B 205 -3.88 23.29 -20.09
N GLN B 206 -3.16 23.22 -18.98
CA GLN B 206 -2.83 21.93 -18.38
C GLN B 206 -4.07 21.27 -17.81
N THR B 207 -4.34 20.04 -18.25
CA THR B 207 -5.45 19.23 -17.76
C THR B 207 -4.91 17.93 -17.18
N CYS B 208 -5.44 17.53 -16.03
CA CYS B 208 -4.95 16.37 -15.31
C CYS B 208 -5.99 15.25 -15.30
N ILE B 209 -5.52 14.02 -15.44
CA ILE B 209 -6.36 12.84 -15.51
C ILE B 209 -5.90 11.85 -14.45
N ALA B 210 -6.85 11.08 -13.95
CA ALA B 210 -6.58 10.03 -12.98
C ALA B 210 -7.16 8.73 -13.53
N THR B 211 -6.31 7.89 -14.10
CA THR B 211 -6.73 6.61 -14.64
C THR B 211 -6.49 5.54 -13.58
N THR B 212 -7.53 4.80 -13.25
CA THR B 212 -7.47 3.75 -12.23
C THR B 212 -7.60 2.39 -12.91
N LEU B 213 -6.54 1.60 -12.85
CA LEU B 213 -6.52 0.27 -13.45
C LEU B 213 -6.73 -0.77 -12.35
N SER B 214 -7.81 -1.53 -12.46
CA SER B 214 -8.16 -2.55 -11.48
C SER B 214 -8.28 -3.89 -12.18
N LYS B 215 -7.45 -4.85 -11.78
CA LYS B 215 -7.44 -6.17 -12.38
C LYS B 215 -7.79 -7.20 -11.32
N LYS B 216 -8.59 -8.19 -11.72
CA LYS B 216 -9.00 -9.25 -10.80
C LYS B 216 -7.97 -10.36 -10.88
N ILE B 217 -7.10 -10.43 -9.88
CA ILE B 217 -6.07 -11.45 -9.83
C ILE B 217 -5.57 -11.55 -8.39
N TYR B 218 -5.54 -12.77 -7.86
CA TYR B 218 -5.05 -12.97 -6.51
C TYR B 218 -3.54 -12.78 -6.50
N HIS B 219 -3.08 -11.64 -5.99
CA HIS B 219 -1.68 -11.27 -6.02
C HIS B 219 -1.09 -11.24 -4.62
N ARG B 220 0.18 -11.60 -4.52
CA ARG B 220 0.92 -11.55 -3.28
C ARG B 220 2.33 -11.03 -3.57
N LEU B 221 2.86 -10.20 -2.67
CA LEU B 221 4.17 -9.59 -2.84
C LEU B 221 5.03 -9.92 -1.64
N TYR B 222 6.13 -10.61 -1.87
CA TYR B 222 7.07 -10.99 -0.82
C TYR B 222 8.37 -10.22 -0.96
N CYS B 223 9.12 -10.18 0.13
CA CYS B 223 10.51 -9.72 0.13
C CYS B 223 11.31 -10.91 0.65
N GLY B 224 11.74 -11.76 -0.27
CA GLY B 224 12.27 -13.06 0.09
C GLY B 224 11.14 -14.05 0.31
N GLU B 225 10.98 -14.50 1.56
CA GLU B 225 9.87 -15.36 1.94
C GLU B 225 8.87 -14.64 2.82
N ARG B 226 9.15 -13.39 3.18
CA ARG B 226 8.28 -12.63 4.07
C ARG B 226 7.25 -11.88 3.23
N LEU B 227 5.97 -12.07 3.58
CA LEU B 227 4.89 -11.46 2.82
C LEU B 227 4.77 -9.98 3.15
N MET B 228 4.65 -9.15 2.11
CA MET B 228 4.47 -7.72 2.27
C MET B 228 3.06 -7.25 1.99
N THR B 229 2.40 -7.80 0.97
CA THR B 229 1.10 -7.33 0.54
C THR B 229 0.35 -8.48 -0.13
N GLY B 230 -0.96 -8.35 -0.19
CA GLY B 230 -1.80 -9.33 -0.85
C GLY B 230 -3.18 -8.76 -1.07
N GLY B 231 -3.96 -9.44 -1.90
CA GLY B 231 -5.31 -8.97 -2.18
C GLY B 231 -5.91 -9.76 -3.32
N GLN B 232 -7.22 -9.59 -3.48
CA GLN B 232 -7.98 -10.24 -4.53
C GLN B 232 -8.08 -9.38 -5.79
N VAL B 233 -7.56 -8.16 -5.76
CA VAL B 233 -7.62 -7.26 -6.91
C VAL B 233 -6.40 -6.35 -6.88
N SER B 234 -5.80 -6.16 -8.05
CA SER B 234 -4.63 -5.30 -8.19
C SER B 234 -5.05 -3.97 -8.80
N THR B 235 -4.70 -2.88 -8.14
CA THR B 235 -5.10 -1.54 -8.55
C THR B 235 -3.87 -0.69 -8.80
N ARG B 236 -3.92 0.13 -9.84
CA ARG B 236 -2.86 1.05 -10.19
C ARG B 236 -3.50 2.36 -10.62
N VAL B 237 -2.97 3.47 -10.12
CA VAL B 237 -3.54 4.80 -10.39
C VAL B 237 -2.50 5.64 -11.08
N LEU B 238 -2.82 6.08 -12.30
CA LEU B 238 -1.95 6.94 -13.09
C LEU B 238 -2.44 8.38 -13.00
N LEU B 239 -1.54 9.28 -12.64
CA LEU B 239 -1.83 10.71 -12.61
C LEU B 239 -1.08 11.36 -13.77
N THR B 240 -1.83 11.81 -14.78
CA THR B 240 -1.25 12.34 -16.01
C THR B 240 -1.67 13.79 -16.20
N ALA B 241 -0.74 14.60 -16.69
CA ALA B 241 -1.02 15.99 -17.06
C ALA B 241 -0.88 16.14 -18.57
N LEU B 242 -1.80 16.90 -19.17
CA LEU B 242 -1.79 17.14 -20.61
C LEU B 242 -1.80 18.63 -20.86
N GLY B 243 -0.96 19.08 -21.79
CA GLY B 243 -0.87 20.48 -22.11
C GLY B 243 0.08 20.71 -23.26
N PHE B 244 0.44 21.98 -23.44
CA PHE B 244 1.31 22.40 -24.54
C PHE B 244 2.47 23.22 -23.99
N TYR B 245 3.60 23.13 -24.68
CA TYR B 245 4.73 23.99 -24.35
C TYR B 245 4.43 25.44 -24.71
N LYS B 246 4.98 26.35 -23.91
CA LYS B 246 4.80 27.78 -24.16
C LYS B 246 5.35 28.18 -25.53
N VAL B 255 11.17 22.36 -26.17
CA VAL B 255 11.50 22.62 -27.57
C VAL B 255 10.44 22.07 -28.55
N PRO B 256 9.87 20.91 -28.27
CA PRO B 256 8.84 20.37 -29.17
C PRO B 256 7.54 21.15 -29.06
N LYS B 257 6.69 20.97 -30.07
CA LYS B 257 5.40 21.63 -30.16
C LYS B 257 4.29 20.61 -29.90
N GLY B 258 3.09 20.92 -30.38
CA GLY B 258 1.96 20.04 -30.17
C GLY B 258 1.69 19.82 -28.68
N MET B 259 0.85 18.82 -28.43
CA MET B 259 0.49 18.46 -27.07
C MET B 259 1.50 17.45 -26.50
N VAL B 260 1.61 17.45 -25.17
CA VAL B 260 2.49 16.53 -24.46
C VAL B 260 1.85 16.22 -23.11
N TYR B 261 2.30 15.13 -22.50
CA TYR B 261 1.84 14.73 -21.19
C TYR B 261 3.01 14.70 -20.21
N VAL B 262 2.69 14.80 -18.93
CA VAL B 262 3.67 14.74 -17.85
C VAL B 262 3.18 13.76 -16.80
N HIS B 263 4.10 12.96 -16.26
CA HIS B 263 3.77 12.05 -15.17
C HIS B 263 3.73 12.81 -13.86
N LEU B 264 2.64 12.63 -13.11
CA LEU B 264 2.50 13.19 -11.78
C LEU B 264 2.72 12.09 -10.76
N ILE B 265 3.79 12.22 -9.97
CA ILE B 265 4.17 11.20 -9.01
C ILE B 265 3.56 11.54 -7.66
N ASP B 266 2.70 10.65 -7.16
CA ASP B 266 2.13 10.81 -5.84
C ASP B 266 2.65 9.72 -4.92
N SER B 267 3.96 9.68 -4.72
CA SER B 267 4.61 8.62 -3.96
C SER B 267 5.25 9.20 -2.71
N GLY B 268 4.91 8.64 -1.56
CA GLY B 268 5.49 9.07 -0.30
C GLY B 268 6.32 7.98 0.34
N SER B 269 6.27 7.88 1.66
CA SER B 269 7.03 6.87 2.38
C SER B 269 6.27 5.57 2.55
N GLU B 270 5.15 5.39 1.83
CA GLU B 270 4.39 4.16 1.96
C GLU B 270 5.19 2.96 1.44
N ASP B 271 5.98 3.16 0.38
CA ASP B 271 6.80 2.08 -0.11
C ASP B 271 7.80 1.62 0.94
N TYR B 272 8.34 2.56 1.72
CA TYR B 272 9.23 2.19 2.81
C TYR B 272 8.48 1.46 3.91
N MET B 273 7.25 1.89 4.20
CA MET B 273 6.52 1.32 5.32
C MET B 273 6.31 -0.18 5.16
N GLU B 274 5.80 -0.59 4.00
CA GLU B 274 5.55 -2.02 3.82
C GLU B 274 6.85 -2.81 3.82
N TYR B 275 7.96 -2.17 3.46
CA TYR B 275 9.27 -2.79 3.54
C TYR B 275 9.86 -2.75 4.94
N SER B 276 9.29 -1.94 5.84
CA SER B 276 9.89 -1.71 7.15
C SER B 276 10.14 -3.00 7.92
N GLU B 277 9.43 -4.08 7.60
CA GLU B 277 9.58 -5.35 8.31
C GLU B 277 10.40 -6.37 7.54
N CYS B 278 10.88 -6.03 6.34
CA CYS B 278 11.78 -6.90 5.61
C CYS B 278 13.20 -6.75 6.15
N GLU B 279 14.01 -7.79 5.94
CA GLU B 279 15.40 -7.72 6.31
C GLU B 279 16.14 -6.78 5.38
N GLU B 280 17.11 -6.05 5.92
CA GLU B 280 17.93 -5.16 5.10
C GLU B 280 18.53 -5.92 3.92
N VAL B 281 18.96 -7.15 4.16
CA VAL B 281 19.51 -8.01 3.13
C VAL B 281 18.74 -9.33 3.15
N THR B 282 18.08 -9.65 2.05
CA THR B 282 17.28 -10.86 1.99
C THR B 282 18.15 -12.07 2.27
N PRO B 283 17.78 -12.94 3.21
CA PRO B 283 18.57 -14.14 3.46
C PRO B 283 18.65 -15.02 2.22
N GLY B 284 19.82 -15.65 2.05
CA GLY B 284 20.02 -16.55 0.93
C GLY B 284 21.39 -17.17 1.04
N ARG B 285 21.60 -18.21 0.23
CA ARG B 285 22.87 -18.93 0.22
C ARG B 285 23.85 -18.15 -0.64
N TYR B 286 24.82 -17.50 0.00
CA TYR B 286 25.83 -16.73 -0.69
C TYR B 286 27.02 -17.61 -1.06
N GLU B 287 27.60 -17.35 -2.23
CA GLU B 287 28.78 -18.09 -2.68
C GLU B 287 29.76 -17.07 -3.24
N ASP B 288 30.69 -17.56 -4.07
CA ASP B 288 31.69 -16.69 -4.66
C ASP B 288 31.12 -15.86 -5.80
N LYS B 289 30.39 -16.51 -6.71
CA LYS B 289 29.95 -15.86 -7.94
C LYS B 289 28.44 -15.74 -8.05
N GLN B 290 27.69 -16.10 -7.03
CA GLN B 290 26.24 -16.05 -7.13
C GLN B 290 25.61 -16.09 -5.74
N ILE B 291 24.32 -15.78 -5.71
CA ILE B 291 23.49 -15.86 -4.50
C ILE B 291 22.25 -16.66 -4.84
N SER B 292 21.86 -17.56 -3.95
CA SER B 292 20.76 -18.48 -4.19
C SER B 292 19.65 -18.22 -3.19
N TYR B 293 18.45 -17.98 -3.70
CA TYR B 293 17.26 -17.76 -2.89
C TYR B 293 16.26 -18.87 -3.21
N THR B 294 15.70 -19.47 -2.16
CA THR B 294 14.70 -20.52 -2.32
C THR B 294 13.40 -20.07 -1.66
N PHE B 295 12.30 -20.67 -2.10
CA PHE B 295 11.00 -20.38 -1.51
C PHE B 295 9.98 -21.39 -2.02
N TYR B 296 8.95 -21.61 -1.22
CA TYR B 296 7.87 -22.51 -1.57
C TYR B 296 6.76 -21.76 -2.29
N THR B 297 6.07 -22.46 -3.18
CA THR B 297 4.98 -21.84 -3.94
C THR B 297 4.09 -22.92 -4.51
N ASP B 298 2.78 -22.69 -4.47
CA ASP B 298 1.80 -23.56 -5.09
C ASP B 298 1.27 -22.99 -6.40
N LEU B 299 1.99 -22.04 -6.99
CA LEU B 299 1.50 -21.38 -8.19
C LEU B 299 1.28 -22.36 -9.33
N PHE B 300 2.20 -23.31 -9.50
CA PHE B 300 2.13 -24.26 -10.61
C PHE B 300 1.08 -25.34 -10.40
N GLN B 301 0.55 -25.48 -9.19
CA GLN B 301 -0.50 -26.46 -8.95
C GLN B 301 -1.88 -25.88 -9.15
N THR B 302 -2.04 -24.58 -8.92
CA THR B 302 -3.32 -23.90 -9.14
C THR B 302 -3.50 -23.45 -10.59
N ALA B 303 -2.41 -23.42 -11.38
CA ALA B 303 -2.55 -23.02 -12.78
C ALA B 303 -3.55 -23.91 -13.52
N ASP B 304 -3.59 -25.19 -13.16
CA ASP B 304 -4.55 -26.14 -13.73
C ASP B 304 -4.33 -26.29 -15.24
N GLY B 305 -3.11 -26.68 -15.60
CA GLY B 305 -2.78 -26.90 -16.99
C GLY B 305 -2.58 -25.65 -17.81
N GLU B 306 -2.55 -24.48 -17.18
CA GLU B 306 -2.35 -23.22 -17.88
C GLU B 306 -0.89 -22.78 -17.77
N PRO B 307 -0.40 -22.05 -18.77
CA PRO B 307 1.00 -21.58 -18.70
C PRO B 307 1.21 -20.64 -17.53
N VAL B 308 2.48 -20.38 -17.24
CA VAL B 308 2.88 -19.48 -16.17
C VAL B 308 4.03 -18.63 -16.66
N LEU B 309 3.81 -17.32 -16.78
CA LEU B 309 4.83 -16.40 -17.24
C LEU B 309 5.69 -15.98 -16.05
N ALA B 310 6.97 -16.34 -16.09
CA ALA B 310 7.92 -16.01 -15.03
C ALA B 310 8.88 -14.96 -15.55
N SER B 311 8.82 -13.75 -15.00
CA SER B 311 9.72 -12.68 -15.35
C SER B 311 10.64 -12.39 -14.16
N VAL B 312 11.93 -12.27 -14.43
CA VAL B 312 12.91 -11.95 -13.40
C VAL B 312 13.82 -10.87 -13.96
N TRP B 313 14.15 -9.88 -13.13
CA TRP B 313 15.03 -8.82 -13.56
C TRP B 313 15.69 -8.21 -12.34
N GLY B 314 16.83 -7.56 -12.57
CA GLY B 314 17.56 -6.93 -11.50
C GLY B 314 18.26 -5.69 -12.02
N THR B 315 18.84 -4.93 -11.09
CA THR B 315 19.59 -3.75 -11.44
C THR B 315 20.43 -3.34 -10.23
N SER B 316 21.70 -3.73 -10.23
CA SER B 316 22.62 -3.16 -9.25
C SER B 316 22.81 -1.67 -9.49
N GLY B 317 22.87 -1.27 -10.76
CA GLY B 317 23.07 0.12 -11.13
C GLY B 317 22.12 1.10 -10.48
N LEU B 318 22.66 2.20 -9.96
CA LEU B 318 21.86 3.10 -9.14
C LEU B 318 20.93 3.96 -9.99
N LYS B 319 21.38 4.35 -11.19
CA LYS B 319 20.73 5.38 -11.99
C LYS B 319 20.59 4.88 -13.43
N ASP B 320 19.75 3.86 -13.62
CA ASP B 320 19.48 3.32 -14.96
C ASP B 320 20.76 3.02 -15.73
N SER B 321 21.83 2.66 -15.00
CA SER B 321 23.07 2.28 -15.66
C SER B 321 22.85 1.11 -16.61
N ALA B 322 22.18 0.07 -16.13
CA ALA B 322 21.89 -1.08 -16.97
C ALA B 322 20.90 -1.99 -16.23
N TYR B 323 20.06 -2.67 -17.01
CA TYR B 323 19.07 -3.59 -16.49
C TYR B 323 19.31 -4.98 -17.08
N GLU B 324 19.20 -6.00 -16.24
CA GLU B 324 19.34 -7.40 -16.64
C GLU B 324 18.00 -8.08 -16.42
N SER B 325 17.34 -8.46 -17.51
CA SER B 325 15.99 -9.01 -17.44
C SER B 325 15.90 -10.31 -18.22
N CYS B 326 14.96 -11.16 -17.81
CA CYS B 326 14.70 -12.43 -18.49
C CYS B 326 13.22 -12.75 -18.33
N ALA B 327 12.76 -13.72 -19.12
CA ALA B 327 11.37 -14.13 -19.06
C ALA B 327 11.25 -15.56 -19.55
N PHE B 328 10.37 -16.33 -18.91
CA PHE B 328 10.15 -17.73 -19.25
C PHE B 328 8.66 -18.03 -19.20
N VAL B 329 8.22 -18.92 -20.08
CA VAL B 329 6.84 -19.38 -20.11
C VAL B 329 6.85 -20.87 -19.79
N ILE B 330 6.22 -21.25 -18.68
CA ILE B 330 6.29 -22.60 -18.16
C ILE B 330 4.94 -23.27 -18.37
N PRO B 331 4.86 -24.34 -19.16
CA PRO B 331 3.60 -25.10 -19.24
C PRO B 331 3.41 -25.93 -17.99
N THR B 332 2.19 -25.91 -17.47
CA THR B 332 1.86 -26.61 -16.24
C THR B 332 1.27 -28.00 -16.49
N ASP B 333 1.40 -28.52 -17.72
CA ASP B 333 0.92 -29.86 -18.03
C ASP B 333 1.14 -30.10 -19.51
N GLY B 334 1.23 -31.38 -19.88
CA GLY B 334 1.40 -31.78 -21.25
C GLY B 334 2.83 -32.15 -21.58
N GLU B 335 3.14 -32.10 -22.88
CA GLU B 335 4.48 -32.41 -23.34
C GLU B 335 5.48 -31.46 -22.71
N GLU B 336 6.62 -32.01 -22.28
CA GLU B 336 7.64 -31.25 -21.56
C GLU B 336 7.00 -30.45 -20.41
N ASP B 337 6.53 -31.22 -19.43
CA ASP B 337 5.71 -30.67 -18.36
C ASP B 337 6.58 -30.03 -17.29
N LEU B 338 6.20 -28.82 -16.87
CA LEU B 338 6.84 -28.12 -15.76
C LEU B 338 8.33 -27.94 -16.01
N VAL B 339 8.67 -27.46 -17.20
CA VAL B 339 10.04 -27.14 -17.55
C VAL B 339 10.07 -25.73 -18.14
N PRO B 340 10.89 -24.82 -17.62
CA PRO B 340 10.87 -23.44 -18.10
C PRO B 340 11.20 -23.35 -19.58
N ARG B 341 10.49 -22.44 -20.27
CA ARG B 341 10.75 -22.12 -21.67
C ARG B 341 11.32 -20.72 -21.77
N ARG B 342 12.45 -20.58 -22.44
CA ARG B 342 13.15 -19.31 -22.52
C ARG B 342 12.61 -18.49 -23.70
N ILE B 343 12.17 -17.27 -23.40
CA ILE B 343 11.71 -16.36 -24.46
C ILE B 343 12.87 -15.69 -25.16
N MET B 344 14.06 -15.69 -24.56
CA MET B 344 15.28 -15.24 -25.19
C MET B 344 16.18 -16.44 -25.50
N SER B 345 17.25 -16.19 -26.24
CA SER B 345 18.19 -17.25 -26.55
C SER B 345 18.70 -17.92 -25.28
N LYS B 346 19.23 -17.13 -24.35
CA LYS B 346 19.73 -17.64 -23.08
C LYS B 346 19.61 -16.54 -22.03
N CYS B 347 19.48 -16.94 -20.77
CA CYS B 347 19.48 -16.02 -19.64
C CYS B 347 20.77 -16.23 -18.87
N TYR B 348 21.66 -15.24 -18.92
CA TYR B 348 22.97 -15.32 -18.30
C TYR B 348 22.94 -14.86 -16.85
N PRO B 349 22.32 -13.72 -16.54
CA PRO B 349 22.39 -13.21 -15.17
C PRO B 349 21.62 -14.03 -14.16
N PHE B 350 20.55 -14.72 -14.55
CA PHE B 350 19.69 -15.42 -13.61
C PHE B 350 19.50 -16.86 -14.06
N ARG B 351 19.14 -17.70 -13.09
CA ARG B 351 18.83 -19.10 -13.31
C ARG B 351 17.68 -19.48 -12.41
N LEU B 352 16.66 -20.10 -12.99
CA LEU B 352 15.42 -20.43 -12.28
C LEU B 352 15.09 -21.89 -12.50
N THR B 353 14.89 -22.63 -11.41
CA THR B 353 14.56 -24.04 -11.47
C THR B 353 13.46 -24.35 -10.47
N TYR B 354 12.51 -25.18 -10.89
CA TYR B 354 11.40 -25.61 -10.06
C TYR B 354 11.51 -27.10 -9.75
N HIS B 355 11.19 -27.46 -8.51
CA HIS B 355 11.26 -28.85 -8.05
C HIS B 355 9.87 -29.32 -7.65
N PRO B 356 9.16 -30.04 -8.51
CA PRO B 356 7.80 -30.46 -8.15
C PRO B 356 7.75 -31.40 -6.96
N SER B 357 8.80 -32.20 -6.75
CA SER B 357 8.80 -33.11 -5.62
C SER B 357 8.68 -32.36 -4.30
N THR B 358 9.34 -31.20 -4.20
CA THR B 358 9.27 -30.37 -3.02
C THR B 358 8.42 -29.12 -3.21
N MET B 359 7.89 -28.89 -4.41
CA MET B 359 7.09 -27.71 -4.71
C MET B 359 7.83 -26.43 -4.35
N THR B 360 9.14 -26.44 -4.53
CA THR B 360 9.98 -25.30 -4.21
C THR B 360 10.62 -24.75 -5.47
N VAL B 361 11.03 -23.49 -5.40
CA VAL B 361 11.67 -22.80 -6.52
C VAL B 361 12.96 -22.20 -6.01
N ARG B 362 14.00 -22.23 -6.84
CA ARG B 362 15.30 -21.67 -6.50
C ARG B 362 15.69 -20.67 -7.57
N LEU B 363 16.14 -19.50 -7.14
CA LEU B 363 16.60 -18.45 -8.04
C LEU B 363 18.08 -18.22 -7.78
N ASP B 364 18.88 -18.34 -8.83
CA ASP B 364 20.32 -18.09 -8.75
C ASP B 364 20.61 -16.76 -9.42
N VAL B 365 21.30 -15.88 -8.70
CA VAL B 365 21.62 -14.54 -9.18
C VAL B 365 23.13 -14.40 -9.21
N ARG B 366 23.68 -14.21 -10.41
CA ARG B 366 25.12 -14.04 -10.57
C ARG B 366 25.51 -12.63 -10.15
N VAL B 367 26.52 -12.53 -9.28
CA VAL B 367 26.99 -11.24 -8.78
C VAL B 367 28.51 -11.23 -8.78
N GLU B 368 29.06 -10.03 -8.68
CA GLU B 368 30.51 -9.84 -8.64
C GLU B 368 31.00 -10.04 -7.21
N LYS B 369 31.98 -10.93 -7.04
CA LYS B 369 32.52 -11.17 -5.71
C LYS B 369 33.35 -10.01 -5.19
N HIS B 370 33.37 -8.89 -5.90
CA HIS B 370 34.06 -7.69 -5.47
C HIS B 370 33.18 -6.95 -4.46
N HIS B 371 33.62 -6.92 -3.20
CA HIS B 371 32.86 -6.29 -2.13
C HIS B 371 33.38 -4.89 -1.84
N GLY B 372 32.60 -4.14 -1.08
CA GLY B 372 32.94 -2.79 -0.68
C GLY B 372 32.30 -1.74 -1.58
N ALA B 373 32.45 -0.49 -1.16
CA ALA B 373 31.95 0.66 -1.91
C ALA B 373 30.44 0.76 -1.88
N THR B 374 29.80 0.24 -0.84
CA THR B 374 28.35 0.30 -0.67
C THR B 374 27.64 -0.37 -1.86
N ASP B 375 27.78 -1.68 -1.92
CA ASP B 375 27.19 -2.48 -2.99
C ASP B 375 25.73 -2.76 -2.66
N GLN B 376 24.82 -2.27 -3.49
CA GLN B 376 23.39 -2.45 -3.33
C GLN B 376 22.79 -2.92 -4.64
N GLY B 377 22.04 -4.03 -4.59
CA GLY B 377 21.37 -4.53 -5.77
C GLY B 377 19.94 -4.91 -5.46
N PHE B 378 19.11 -4.89 -6.50
CA PHE B 378 17.70 -5.21 -6.37
C PHE B 378 17.29 -6.19 -7.46
N VAL B 379 16.58 -7.25 -7.08
CA VAL B 379 16.08 -8.25 -8.01
C VAL B 379 14.61 -8.47 -7.75
N PHE B 380 13.83 -8.57 -8.82
CA PHE B 380 12.40 -8.79 -8.72
C PHE B 380 12.02 -10.01 -9.55
N LEU B 381 11.34 -10.97 -8.91
CA LEU B 381 10.92 -12.20 -9.55
C LEU B 381 9.40 -12.27 -9.50
N LYS B 382 8.76 -12.13 -10.64
CA LYS B 382 7.30 -12.16 -10.76
C LYS B 382 6.90 -13.41 -11.53
N MET B 383 6.07 -14.23 -10.93
CA MET B 383 5.53 -15.44 -11.56
C MET B 383 4.02 -15.35 -11.53
N GLU B 384 3.39 -15.40 -12.69
CA GLU B 384 1.97 -15.11 -12.80
C GLU B 384 1.29 -16.07 -13.76
N SER B 385 0.03 -16.37 -13.47
CA SER B 385 -0.83 -17.09 -14.40
C SER B 385 -2.02 -16.20 -14.72
N GLY B 386 -3.12 -16.80 -15.18
CA GLY B 386 -4.31 -16.03 -15.48
C GLY B 386 -5.04 -15.52 -14.25
N THR B 387 -4.86 -16.19 -13.11
CA THR B 387 -5.62 -15.86 -11.91
C THR B 387 -4.76 -15.67 -10.67
N TYR B 388 -3.48 -16.02 -10.70
CA TYR B 388 -2.58 -15.84 -9.56
C TYR B 388 -1.35 -15.07 -10.01
N SER B 389 -0.68 -14.43 -9.05
CA SER B 389 0.49 -13.61 -9.33
C SER B 389 1.32 -13.48 -8.06
N GLU B 390 2.59 -13.82 -8.13
CA GLU B 390 3.51 -13.75 -7.00
C GLU B 390 4.73 -12.93 -7.40
N GLY B 391 4.98 -11.85 -6.68
CA GLY B 391 6.16 -11.03 -6.88
C GLY B 391 7.03 -11.09 -5.63
N ARG B 392 8.34 -11.24 -5.85
CA ARG B 392 9.30 -11.44 -4.77
C ARG B 392 10.49 -10.54 -4.99
N GLU B 393 10.73 -9.63 -4.04
CA GLU B 393 11.84 -8.71 -4.10
C GLU B 393 13.02 -9.24 -3.29
N TYR B 394 14.22 -9.00 -3.78
CA TYR B 394 15.45 -9.42 -3.13
C TYR B 394 16.39 -8.23 -3.04
N TYR B 395 16.93 -7.98 -1.85
CA TYR B 395 17.84 -6.87 -1.60
C TYR B 395 19.22 -7.43 -1.33
N LEU B 396 20.14 -7.23 -2.27
CA LEU B 396 21.47 -7.82 -2.21
C LEU B 396 22.50 -6.78 -1.82
N ASP B 397 23.52 -7.22 -1.09
CA ASP B 397 24.64 -6.38 -0.71
C ASP B 397 25.84 -6.57 -1.64
N ARG B 398 25.64 -7.23 -2.79
CA ARG B 398 26.66 -7.40 -3.80
C ARG B 398 26.21 -6.71 -5.09
N VAL B 399 27.13 -6.60 -6.03
CA VAL B 399 26.86 -5.98 -7.32
C VAL B 399 26.38 -7.05 -8.29
N LEU B 400 25.32 -6.74 -9.04
CA LEU B 400 24.80 -7.69 -10.00
C LEU B 400 25.74 -7.83 -11.18
N TRP B 401 25.85 -9.05 -11.70
CA TRP B 401 26.77 -9.33 -12.81
C TRP B 401 26.55 -8.39 -14.00
N THR C 8 14.81 2.96 10.63
CA THR C 8 14.43 3.10 12.03
C THR C 8 13.08 3.79 12.18
N PRO C 9 12.25 3.30 13.10
CA PRO C 9 10.96 3.94 13.33
C PRO C 9 11.12 5.39 13.81
N THR C 10 10.30 6.27 13.23
CA THR C 10 10.35 7.70 13.52
C THR C 10 9.47 8.01 14.73
N ALA C 11 10.10 8.39 15.83
CA ALA C 11 9.39 8.79 17.04
C ALA C 11 10.35 9.55 17.95
N CYS C 12 9.79 10.40 18.80
CA CYS C 12 10.58 11.21 19.70
C CYS C 12 10.13 11.01 21.14
N CYS C 13 11.08 11.14 22.06
CA CYS C 13 10.83 10.97 23.49
C CYS C 13 10.43 12.30 24.11
N PHE C 14 9.16 12.41 24.53
CA PHE C 14 8.70 13.61 25.24
C PHE C 14 9.02 13.57 26.73
N SER C 15 9.21 12.39 27.29
CA SER C 15 9.56 12.24 28.70
C SER C 15 10.10 10.85 28.90
N TYR C 16 11.08 10.73 29.79
CA TYR C 16 11.76 9.46 30.00
C TYR C 16 11.11 8.65 31.11
N SER C 17 11.40 7.36 31.12
CA SER C 17 10.73 6.41 31.99
C SER C 17 11.66 5.95 33.10
N ARG C 18 11.06 5.42 34.16
CA ARG C 18 11.84 4.89 35.27
C ARG C 18 12.49 3.57 34.87
N LYS C 19 13.60 3.25 35.54
CA LYS C 19 14.29 2.01 35.27
C LYS C 19 13.37 0.81 35.54
N ILE C 20 13.55 -0.23 34.74
CA ILE C 20 12.76 -1.46 34.89
C ILE C 20 13.68 -2.66 34.77
N PRO C 21 13.27 -3.77 35.38
CA PRO C 21 14.16 -4.95 35.39
C PRO C 21 14.57 -5.37 33.99
N ARG C 22 15.83 -5.79 33.88
CA ARG C 22 16.37 -6.20 32.60
C ARG C 22 15.54 -7.30 31.94
N GLN C 23 14.94 -8.18 32.74
CA GLN C 23 14.19 -9.31 32.21
C GLN C 23 12.95 -8.90 31.44
N PHE C 24 12.69 -7.60 31.32
CA PHE C 24 11.53 -7.11 30.60
C PHE C 24 11.85 -6.51 29.25
N ILE C 25 13.10 -6.10 29.02
CA ILE C 25 13.50 -5.45 27.77
C ILE C 25 13.91 -6.53 26.78
N VAL C 26 13.43 -6.42 25.55
CA VAL C 26 13.72 -7.40 24.52
C VAL C 26 14.51 -6.79 23.37
N ALA C 27 14.34 -5.48 23.14
CA ALA C 27 15.04 -4.80 22.05
C ALA C 27 15.18 -3.33 22.39
N TYR C 28 15.87 -2.60 21.50
CA TYR C 28 16.05 -1.16 21.67
C TYR C 28 16.46 -0.56 20.34
N PHE C 29 16.41 0.76 20.27
CA PHE C 29 16.95 1.48 19.12
C PHE C 29 16.94 2.96 19.42
N GLU C 30 17.91 3.67 18.87
CA GLU C 30 18.03 5.10 19.12
C GLU C 30 16.95 5.86 18.36
N THR C 31 16.64 7.06 18.85
CA THR C 31 15.56 7.84 18.28
C THR C 31 16.01 8.54 16.99
N SER C 32 15.02 8.96 16.21
CA SER C 32 15.26 9.60 14.92
C SER C 32 16.09 10.87 15.10
N SER C 33 16.64 11.35 13.98
CA SER C 33 17.37 12.61 13.97
C SER C 33 16.46 13.81 14.02
N LEU C 34 15.14 13.62 13.91
CA LEU C 34 14.21 14.73 14.05
C LEU C 34 14.06 15.17 15.50
N CYS C 35 14.42 14.30 16.44
CA CYS C 35 14.27 14.60 17.86
C CYS C 35 15.42 15.49 18.32
N SER C 36 15.10 16.56 19.04
CA SER C 36 16.13 17.47 19.51
C SER C 36 17.07 16.80 20.50
N GLN C 37 16.55 15.94 21.37
CA GLN C 37 17.35 15.28 22.39
C GLN C 37 17.52 13.81 22.06
N PRO C 38 18.74 13.28 22.13
CA PRO C 38 18.96 11.86 21.83
C PRO C 38 18.36 10.98 22.92
N GLY C 39 17.41 10.13 22.53
CA GLY C 39 16.75 9.26 23.46
C GLY C 39 16.80 7.82 22.97
N VAL C 40 16.54 6.90 23.90
CA VAL C 40 16.50 5.48 23.63
C VAL C 40 15.07 5.01 23.77
N ILE C 41 14.65 4.14 22.85
CA ILE C 41 13.31 3.57 22.86
C ILE C 41 13.46 2.06 23.05
N PHE C 42 13.13 1.59 24.25
CA PHE C 42 13.17 0.16 24.52
C PHE C 42 11.90 -0.50 24.05
N LEU C 43 12.03 -1.69 23.47
CA LEU C 43 10.89 -2.53 23.15
C LEU C 43 10.79 -3.64 24.17
N THR C 44 9.62 -3.80 24.77
CA THR C 44 9.43 -4.74 25.87
C THR C 44 8.85 -6.06 25.37
N LYS C 45 8.91 -7.06 26.24
CA LYS C 45 8.33 -8.35 25.91
C LYS C 45 6.83 -8.29 25.69
N ARG C 46 6.19 -7.17 26.05
CA ARG C 46 4.80 -6.90 25.73
C ARG C 46 4.63 -6.19 24.39
N ASN C 47 5.73 -6.01 23.64
CA ASN C 47 5.69 -5.35 22.34
C ASN C 47 5.27 -3.89 22.45
N ARG C 48 5.60 -3.25 23.56
CA ARG C 48 5.31 -1.83 23.74
C ARG C 48 6.62 -1.04 23.82
N GLN C 49 6.54 0.23 23.46
CA GLN C 49 7.71 1.10 23.43
C GLN C 49 7.79 1.89 24.72
N ILE C 50 9.03 2.12 25.18
CA ILE C 50 9.29 2.84 26.42
C ILE C 50 10.49 3.75 26.19
N CYS C 51 10.31 5.04 26.46
CA CYS C 51 11.39 6.01 26.29
C CYS C 51 12.25 6.05 27.54
N ALA C 52 13.55 6.22 27.34
CA ALA C 52 14.50 6.30 28.45
C ALA C 52 15.63 7.22 28.07
N ASP C 53 16.22 7.86 29.08
CA ASP C 53 17.29 8.82 28.84
C ASP C 53 18.60 8.10 28.60
N SER C 54 19.19 8.32 27.42
CA SER C 54 20.44 7.65 27.06
C SER C 54 21.59 8.06 27.96
N LYS C 55 21.51 9.22 28.60
CA LYS C 55 22.60 9.72 29.43
C LYS C 55 22.67 9.05 30.80
N GLU C 56 21.83 8.06 31.06
CA GLU C 56 21.82 7.36 32.33
C GLU C 56 22.55 6.02 32.20
N THR C 57 23.18 5.60 33.29
CA THR C 57 24.06 4.44 33.24
C THR C 57 23.26 3.16 32.97
N TRP C 58 22.14 2.98 33.67
CA TRP C 58 21.36 1.76 33.49
C TRP C 58 20.90 1.58 32.05
N VAL C 59 20.67 2.69 31.34
CA VAL C 59 20.29 2.61 29.93
C VAL C 59 21.44 2.01 29.12
N GLN C 60 22.65 2.54 29.30
CA GLN C 60 23.79 2.04 28.56
C GLN C 60 24.12 0.60 28.93
N GLU C 61 23.86 0.21 30.17
CA GLU C 61 24.05 -1.19 30.55
C GLU C 61 23.05 -2.08 29.83
N TYR C 62 21.79 -1.66 29.76
CA TYR C 62 20.79 -2.42 29.01
C TYR C 62 21.15 -2.47 27.53
N ILE C 63 21.73 -1.38 27.00
CA ILE C 63 22.08 -1.35 25.58
C ILE C 63 23.23 -2.31 25.29
N THR C 64 24.34 -2.16 26.01
CA THR C 64 25.48 -3.03 25.77
C THR C 64 25.13 -4.49 26.00
N ASP C 65 24.30 -4.77 27.01
CA ASP C 65 23.87 -6.14 27.26
C ASP C 65 22.91 -6.63 26.18
N LEU C 66 22.11 -5.74 25.60
CA LEU C 66 21.19 -6.14 24.54
C LEU C 66 21.96 -6.54 23.28
N GLU C 67 23.00 -5.78 22.93
CA GLU C 67 23.78 -6.11 21.75
C GLU C 67 24.66 -7.33 21.97
N LEU C 68 24.93 -7.71 23.22
CA LEU C 68 25.63 -8.95 23.50
C LEU C 68 24.77 -10.18 23.19
N ASN C 69 23.51 -10.00 22.88
CA ASN C 69 22.61 -11.11 22.61
C ASN C 69 21.84 -10.86 21.31
N THR D 8 16.52 14.43 -18.62
CA THR D 8 15.82 13.99 -17.43
C THR D 8 14.43 13.47 -17.76
N PRO D 9 14.02 12.39 -17.10
CA PRO D 9 12.66 11.87 -17.31
C PRO D 9 11.63 12.92 -16.94
N THR D 10 10.59 13.02 -17.77
CA THR D 10 9.57 14.05 -17.59
C THR D 10 8.53 13.55 -16.59
N ALA D 11 8.54 14.14 -15.39
CA ALA D 11 7.58 13.83 -14.35
C ALA D 11 7.64 14.94 -13.32
N CYS D 12 6.52 15.15 -12.64
CA CYS D 12 6.39 16.20 -11.64
C CYS D 12 5.92 15.59 -10.33
N CYS D 13 6.31 16.23 -9.23
CA CYS D 13 5.91 15.79 -7.90
C CYS D 13 4.54 16.38 -7.60
N PHE D 14 3.54 15.51 -7.53
CA PHE D 14 2.18 15.93 -7.22
C PHE D 14 1.99 16.09 -5.72
N SER D 15 2.85 15.48 -4.91
CA SER D 15 2.82 15.63 -3.47
C SER D 15 4.16 15.15 -2.92
N TYR D 16 4.63 15.81 -1.86
CA TYR D 16 5.93 15.51 -1.29
C TYR D 16 5.80 14.50 -0.16
N SER D 17 6.92 13.86 0.15
CA SER D 17 6.95 12.72 1.05
C SER D 17 7.62 13.07 2.38
N ARG D 18 7.33 12.25 3.38
CA ARG D 18 7.97 12.36 4.68
C ARG D 18 9.41 11.87 4.60
N LYS D 19 10.23 12.34 5.52
CA LYS D 19 11.61 11.92 5.55
C LYS D 19 11.69 10.40 5.69
N ILE D 20 12.71 9.82 5.07
CA ILE D 20 12.89 8.36 5.09
C ILE D 20 14.35 8.05 5.36
N PRO D 21 14.61 6.89 5.96
CA PRO D 21 15.98 6.57 6.38
C PRO D 21 16.93 6.65 5.20
N ARG D 22 18.14 7.18 5.47
CA ARG D 22 19.12 7.33 4.41
C ARG D 22 19.44 6.01 3.74
N GLN D 23 19.49 4.92 4.51
CA GLN D 23 19.85 3.63 3.95
C GLN D 23 18.79 3.09 2.99
N PHE D 24 17.71 3.82 2.73
CA PHE D 24 16.67 3.36 1.83
C PHE D 24 16.70 4.05 0.47
N ILE D 25 17.46 5.13 0.34
CA ILE D 25 17.60 5.86 -0.91
C ILE D 25 18.94 5.48 -1.54
N VAL D 26 18.93 5.19 -2.83
CA VAL D 26 20.14 4.73 -3.53
C VAL D 26 20.56 5.73 -4.59
N ALA D 27 19.62 6.51 -5.11
CA ALA D 27 19.93 7.47 -6.16
C ALA D 27 18.91 8.60 -6.10
N TYR D 28 19.07 9.58 -7.00
CA TYR D 28 18.15 10.71 -7.06
C TYR D 28 18.27 11.37 -8.43
N PHE D 29 17.31 12.24 -8.72
CA PHE D 29 17.37 13.06 -9.92
C PHE D 29 16.26 14.11 -9.85
N GLU D 30 16.55 15.29 -10.39
CA GLU D 30 15.64 16.41 -10.33
C GLU D 30 14.44 16.21 -11.26
N THR D 31 13.36 16.91 -10.95
CA THR D 31 12.15 16.83 -11.74
C THR D 31 12.30 17.67 -13.01
N SER D 32 11.42 17.41 -13.97
CA SER D 32 11.50 18.13 -15.24
C SER D 32 11.37 19.64 -15.02
N SER D 33 11.79 20.40 -16.02
CA SER D 33 11.63 21.83 -15.99
C SER D 33 10.20 22.27 -16.27
N LEU D 34 9.34 21.34 -16.67
CA LEU D 34 7.92 21.64 -16.86
C LEU D 34 7.21 21.81 -15.53
N CYS D 35 7.79 21.33 -14.44
CA CYS D 35 7.14 21.40 -13.14
C CYS D 35 7.25 22.80 -12.57
N SER D 36 6.13 23.33 -12.09
CA SER D 36 6.14 24.67 -11.52
C SER D 36 7.04 24.75 -10.29
N GLN D 37 7.06 23.69 -9.49
CA GLN D 37 7.86 23.66 -8.27
C GLN D 37 9.04 22.73 -8.43
N PRO D 38 10.26 23.17 -8.09
CA PRO D 38 11.43 22.28 -8.21
C PRO D 38 11.36 21.17 -7.16
N GLY D 39 11.30 19.92 -7.63
CA GLY D 39 11.21 18.79 -6.75
C GLY D 39 12.30 17.77 -7.04
N VAL D 40 12.53 16.91 -6.04
CA VAL D 40 13.53 15.85 -6.12
C VAL D 40 12.81 14.50 -6.16
N ILE D 41 13.32 13.59 -6.98
CA ILE D 41 12.78 12.24 -7.09
C ILE D 41 13.86 11.28 -6.62
N PHE D 42 13.68 10.72 -5.43
CA PHE D 42 14.63 9.75 -4.92
C PHE D 42 14.30 8.37 -5.46
N LEU D 43 15.34 7.62 -5.79
CA LEU D 43 15.21 6.22 -6.17
C LEU D 43 15.58 5.36 -4.98
N THR D 44 14.71 4.44 -4.63
CA THR D 44 14.85 3.63 -3.43
C THR D 44 15.48 2.28 -3.75
N LYS D 45 15.93 1.60 -2.69
CA LYS D 45 16.49 0.26 -2.87
C LYS D 45 15.47 -0.72 -3.43
N ARG D 46 14.19 -0.35 -3.47
CA ARG D 46 13.17 -1.16 -4.12
C ARG D 46 12.96 -0.74 -5.58
N ASN D 47 13.80 0.18 -6.08
CA ASN D 47 13.71 0.65 -7.45
C ASN D 47 12.40 1.39 -7.72
N ARG D 48 11.85 2.04 -6.69
CA ARG D 48 10.67 2.87 -6.81
C ARG D 48 11.03 4.32 -6.55
N GLN D 49 10.17 5.21 -7.05
CA GLN D 49 10.39 6.64 -6.93
C GLN D 49 9.69 7.23 -5.72
N ILE D 50 10.31 8.25 -5.13
CA ILE D 50 9.76 8.94 -3.97
C ILE D 50 10.01 10.43 -4.16
N CYS D 51 8.93 11.21 -4.11
CA CYS D 51 9.04 12.65 -4.28
C CYS D 51 9.33 13.35 -2.96
N ALA D 52 10.17 14.37 -3.03
CA ALA D 52 10.54 15.16 -1.86
C ALA D 52 10.79 16.59 -2.30
N ASP D 53 10.57 17.52 -1.39
CA ASP D 53 10.73 18.93 -1.70
C ASP D 53 12.22 19.29 -1.67
N SER D 54 12.72 19.76 -2.81
CA SER D 54 14.13 20.07 -2.94
C SER D 54 14.57 21.18 -2.00
N LYS D 55 13.66 22.03 -1.56
CA LYS D 55 13.99 23.17 -0.70
C LYS D 55 14.22 22.78 0.74
N GLU D 56 14.20 21.50 1.08
CA GLU D 56 14.37 21.04 2.44
C GLU D 56 15.80 20.55 2.67
N THR D 57 16.28 20.75 3.91
CA THR D 57 17.68 20.48 4.21
C THR D 57 17.98 18.99 4.15
N TRP D 58 17.12 18.16 4.77
CA TRP D 58 17.41 16.73 4.79
C TRP D 58 17.48 16.17 3.38
N VAL D 59 16.71 16.74 2.45
CA VAL D 59 16.82 16.32 1.06
C VAL D 59 18.20 16.68 0.51
N GLN D 60 18.61 17.93 0.70
CA GLN D 60 19.92 18.35 0.19
C GLN D 60 21.04 17.60 0.88
N GLU D 61 20.87 17.26 2.16
CA GLU D 61 21.87 16.45 2.83
C GLU D 61 21.93 15.05 2.25
N TYR D 62 20.77 14.45 1.95
CA TYR D 62 20.76 13.17 1.28
C TYR D 62 21.39 13.24 -0.09
N ILE D 63 21.22 14.38 -0.78
CA ILE D 63 21.78 14.54 -2.12
C ILE D 63 23.30 14.63 -2.06
N THR D 64 23.83 15.53 -1.23
CA THR D 64 25.27 15.68 -1.15
C THR D 64 25.94 14.38 -0.70
N ASP D 65 25.31 13.65 0.21
CA ASP D 65 25.88 12.37 0.63
C ASP D 65 25.76 11.34 -0.47
N LEU D 66 24.72 11.41 -1.29
CA LEU D 66 24.59 10.50 -2.42
C LEU D 66 25.66 10.77 -3.47
N GLU D 67 25.93 12.05 -3.74
CA GLU D 67 26.93 12.40 -4.74
C GLU D 67 28.36 12.17 -4.25
N LEU D 68 28.56 12.00 -2.94
CA LEU D 68 29.88 11.64 -2.43
C LEU D 68 30.31 10.24 -2.86
N ASN D 69 29.42 9.45 -3.44
CA ASN D 69 29.76 8.10 -3.87
C ASN D 69 29.25 7.84 -5.29
C1 NAG E . 6.78 30.44 12.04
C2 NAG E . 6.64 30.66 10.57
C3 NAG E . 7.33 31.98 10.15
C4 NAG E . 7.48 32.92 11.35
C5 NAG E . 6.32 32.83 12.31
C6 NAG E . 5.05 33.36 11.65
C7 NAG E . 7.08 29.48 8.45
C8 NAG E . 7.73 28.34 7.72
N2 NAG E . 7.24 29.59 9.88
O3 NAG E . 6.60 32.62 9.16
O4 NAG E . 8.68 32.63 12.03
O5 NAG E . 6.10 31.49 12.74
O6 NAG E . 5.27 34.67 11.17
O7 NAG E . 6.43 30.30 7.84
H1 NAG E . 7.76 30.45 12.28
H2 NAG E . 5.70 30.71 10.34
H3 NAG E . 8.24 31.76 9.80
H5 NAG E . 6.51 33.40 13.10
H61 NAG E . 4.32 33.37 12.31
H62 NAG E . 4.80 32.76 10.88
H81 NAG E . 7.45 27.51 8.11
H82 NAG E . 8.70 28.43 7.78
H83 NAG E . 7.45 28.38 6.77
HN2 NAG E . 7.73 28.97 10.33
HO3 NAG E . 5.76 32.27 9.12
HO4 NAG E . 9.34 33.10 11.68
HO6 NAG E . 4.89 34.76 10.36
C1 NAG F . -12.33 29.84 -5.36
C2 NAG F . -11.66 31.14 -5.09
C3 NAG F . -11.89 32.17 -6.22
C4 NAG F . -11.60 31.54 -7.57
C5 NAG F . -12.49 30.35 -7.73
C6 NAG F . -12.28 29.72 -9.10
C7 NAG F . -11.41 31.62 -2.67
C8 NAG F . -11.97 32.20 -1.42
N2 NAG F . -12.17 31.68 -3.89
O3 NAG F . -11.05 33.26 -6.03
O4 NAG F . -11.86 32.48 -8.59
O5 NAG F . -12.15 29.41 -6.72
O6 NAG F . -12.70 28.37 -9.07
O7 NAG F . -10.30 31.11 -2.67
H1 NAG F . -13.32 29.94 -5.17
H3 NAG F . -12.84 32.48 -6.19
H5 NAG F . -13.43 30.61 -7.63
H61 NAG F . -11.31 29.76 -9.34
H62 NAG F . -12.82 30.22 -9.79
H81 NAG F . -11.37 32.01 -0.68
H82 NAG F . -12.85 31.79 -1.24
H83 NAG F . -12.07 33.18 -1.52
HN2 NAG F . -12.99 32.06 -3.89
HO3 NAG F . -10.67 33.48 -6.82
HO4 NAG F . -11.49 32.20 -9.34
HO6 NAG F . -12.16 27.87 -9.60
C1 NAG G . -22.92 1.19 -28.81
C2 NAG G . -23.00 1.97 -27.55
C3 NAG G . -22.15 3.25 -27.70
C4 NAG G . -20.72 2.88 -28.08
C5 NAG G . -20.73 2.03 -29.33
C6 NAG G . -19.31 1.60 -29.66
C7 NAG G . -25.06 1.75 -26.18
C8 NAG G . -26.47 2.14 -25.93
N2 NAG G . -24.34 2.33 -27.29
O3 NAG G . -22.16 3.96 -26.50
O4 NAG G . -19.96 4.04 -28.30
O5 NAG G . -21.55 0.89 -29.11
O6 NAG G . -19.35 0.34 -30.31
O7 NAG G . -24.51 0.94 -25.45
H1 NAG G . -23.33 1.71 -29.57
H2 NAG G . -22.65 1.45 -26.81
H3 NAG G . -22.54 3.83 -28.42
H5 NAG G . -21.10 2.57 -30.07
H61 NAG G . -18.79 1.54 -28.83
H62 NAG G . -18.89 2.28 -30.27
H81 NAG G . -26.99 1.99 -26.72
H82 NAG G . -26.51 3.09 -25.69
H83 NAG G . -26.84 1.59 -25.19
HN2 NAG G . -24.76 2.93 -27.84
HO3 NAG G . -22.16 4.85 -26.68
HO4 NAG G . -19.10 3.83 -28.29
HO6 NAG G . -18.57 0.20 -30.73
C1 NAG H . -6.43 27.18 -24.24
C2 NAG H . -5.80 27.40 -25.57
C3 NAG H . -6.30 28.73 -26.17
C4 NAG H . -7.83 28.72 -26.24
C5 NAG H . -8.40 28.42 -24.88
C6 NAG H . -9.91 28.31 -24.98
C7 NAG H . -3.54 27.39 -26.58
C8 NAG H . -2.06 27.43 -26.42
N2 NAG H . -4.40 27.44 -25.42
O3 NAG H . -5.79 28.91 -27.44
O4 NAG H . -8.29 29.98 -26.68
O5 NAG H . -7.86 27.19 -24.39
O6 NAG H . -10.47 27.96 -23.71
O7 NAG H . -4.03 27.32 -27.70
H1 NAG H . -6.15 27.92 -23.61
H2 NAG H . -6.04 26.67 -26.17
H3 NAG H . -6.00 29.49 -25.57
H5 NAG H . -8.17 29.14 -24.25
H61 NAG H . -10.14 27.61 -25.65
H62 NAG H . -10.29 29.19 -25.27
H81 NAG H . -1.80 28.28 -26.07
H82 NAG H . -1.63 27.30 -27.30
H83 NAG H . -1.77 26.71 -25.81
HN2 NAG H . -4.02 27.50 -24.60
HO3 NAG H . -6.36 29.42 -27.93
HO4 NAG H . -7.82 30.62 -26.29
HO6 NAG H . -11.33 27.74 -23.82
#